data_3KJ6
#
_entry.id   3KJ6
#
_cell.length_a   338.600
_cell.length_b   48.600
_cell.length_c   88.900
_cell.angle_alpha   90.000
_cell.angle_beta   104.400
_cell.angle_gamma   90.000
#
_symmetry.space_group_name_H-M   'C 1 2 1'
#
loop_
_entity.id
_entity.type
_entity.pdbx_description
1 polymer 'Beta-2 adrenergic receptor'
2 polymer 'Fab light chain'
3 polymer 'Fab heavy chain'
4 non-polymer 'SULFATE ION'
#
loop_
_entity_poly.entity_id
_entity_poly.type
_entity_poly.pdbx_seq_one_letter_code
_entity_poly.pdbx_strand_id
1 'polypeptide(L)'
;GFGQPGNGSAFLLAPNRSHAPDHDVTQQRDEVWVVGMGIVMSLIVLAIVFGNVLVITAIAKFERLQTVTNYFITSLACAD
LVMGLAVVPFGAAHILMKMWTFGNFWCEFWTSIDVLCVTASIETLCVIAVDRYFAITSPFKYQSLLTKNKARVIILMVWI
VSGLTSFLPIQMHWYRATHQEAINCYAEETCCDFFTNQAYAIASSIVSFYVPLVIMVFVYSRVFQEAKRQLQKIDKSEGR
FHVQNLSQVEQDGRTGHGLRRSSKFCLKEHKALKTLGIIMGTFTLCWLPFFIVNIVHVIQDNLIRKEVYILLNWIGYVNS
GFNPLIYCRSPDFRIAFQELLCLRRSSLKAYGNGYSSNGNTGEQSG
;
A
2 'polypeptide(L)'
;DIKMTQSPSSMYASLGERVTITCKASQDINSYLSWFQQKPGKSPKTLIYRANRLVDGVPSRFIGTGSGQDYSLTISSLDY
ADMGIYYCLQYDEFPYTFGGGTKLEIKRADAAPTVSIFPPSSEQLTSGGASVVCFLNNFYPKDINVKWKIDGSERQNGVL
NSWTDQDSKDSTYSMSSTLTLTKDEYERHNSYTCEATHKTSTSPIVKSFNRNEC
;
L
3 'polypeptide(L)'
;EVQLQQSGAELARPGASVKLSCKASGYIFTDYYINWVRQRTGQGFEWIGEIYPGSGNIDYNERFKDKATLTADKSSSTAY
MQLSSLTSEDSAVYFCVRGFGYWGQGTTLTVSSAKTTPPSVYPLAPGSAAQTNSAVTLGCLVKGYFPEPVTVTWNSGSLS
SGVHTFPAVLQSDLYTLSSSVTVPSSTWPSETVTCNVAHPASSTKVDKKIVPRDCGC
;
H
#
loop_
_chem_comp.id
_chem_comp.type
_chem_comp.name
_chem_comp.formula
SO4 non-polymer 'SULFATE ION' 'O4 S -2'
#
# COMPACT_ATOMS: atom_id res chain seq x y z
N GLY A 36 -23.88 49.81 1.53
CA GLY A 36 -23.63 48.52 2.14
C GLY A 36 -22.78 47.62 1.26
N MET A 37 -23.22 47.43 0.02
CA MET A 37 -22.50 46.59 -0.94
C MET A 37 -21.21 47.26 -1.39
N GLY A 38 -21.19 48.59 -1.35
CA GLY A 38 -20.02 49.35 -1.75
C GLY A 38 -18.85 49.14 -0.81
N ILE A 39 -19.11 49.27 0.48
CA ILE A 39 -18.08 49.04 1.50
C ILE A 39 -17.63 47.58 1.48
N VAL A 40 -18.52 46.68 1.09
CA VAL A 40 -18.19 45.26 1.01
C VAL A 40 -17.15 45.01 -0.08
N MET A 41 -17.21 45.81 -1.15
CA MET A 41 -16.29 45.66 -2.27
C MET A 41 -14.96 46.37 -1.98
N SER A 42 -14.83 46.93 -0.78
CA SER A 42 -13.61 47.63 -0.40
C SER A 42 -12.56 46.65 0.08
N LEU A 43 -13.02 45.53 0.63
CA LEU A 43 -12.13 44.46 1.09
C LEU A 43 -11.47 43.75 -0.11
N ILE A 44 -12.22 43.66 -1.21
CA ILE A 44 -11.72 43.05 -2.42
C ILE A 44 -10.52 43.83 -2.97
N VAL A 45 -10.53 45.14 -2.76
CA VAL A 45 -9.45 46.00 -3.22
C VAL A 45 -8.12 45.61 -2.57
N LEU A 46 -8.15 45.39 -1.27
CA LEU A 46 -6.95 44.99 -0.53
C LEU A 46 -6.39 43.68 -1.08
N ALA A 47 -7.26 42.84 -1.62
CA ALA A 47 -6.84 41.58 -2.20
C ALA A 47 -6.05 41.80 -3.48
N ILE A 48 -6.23 42.98 -4.09
CA ILE A 48 -5.55 43.31 -5.34
C ILE A 48 -4.33 44.18 -5.05
N VAL A 49 -4.10 44.48 -3.77
CA VAL A 49 -2.96 45.29 -3.35
C VAL A 49 -2.11 44.51 -2.37
N PHE A 50 -2.54 43.29 -2.04
CA PHE A 50 -1.80 42.43 -1.13
C PHE A 50 -1.52 41.08 -1.78
N GLY A 51 -2.50 40.54 -2.51
CA GLY A 51 -2.34 39.27 -3.19
C GLY A 51 -1.41 39.35 -4.38
N ASN A 52 -1.17 40.58 -4.85
CA ASN A 52 -0.28 40.80 -5.98
C ASN A 52 1.05 41.42 -5.57
N VAL A 53 1.16 41.75 -4.28
CA VAL A 53 2.40 42.28 -3.73
C VAL A 53 3.25 41.13 -3.18
N LEU A 54 2.59 40.16 -2.57
CA LEU A 54 3.27 38.97 -2.05
C LEU A 54 3.85 38.15 -3.20
N VAL A 55 3.43 38.48 -4.42
CA VAL A 55 3.93 37.80 -5.61
C VAL A 55 5.13 38.54 -6.20
N ILE A 56 5.01 39.86 -6.28
CA ILE A 56 6.06 40.70 -6.87
C ILE A 56 7.37 40.62 -6.10
N THR A 57 7.27 40.60 -4.77
CA THR A 57 8.45 40.53 -3.92
C THR A 57 8.95 39.10 -3.78
N ALA A 58 8.09 38.13 -4.08
CA ALA A 58 8.46 36.72 -4.03
C ALA A 58 9.46 36.39 -5.12
N ILE A 59 9.13 36.73 -6.35
CA ILE A 59 10.03 36.50 -7.49
C ILE A 59 11.34 37.26 -7.31
N ALA A 60 11.24 38.52 -6.89
CA ALA A 60 12.42 39.36 -6.69
C ALA A 60 12.88 39.29 -5.23
N PHE A 62 13.07 35.36 -3.84
CA PHE A 62 13.79 34.12 -3.57
C PHE A 62 14.48 33.59 -4.82
N GLU A 63 15.69 33.08 -4.65
CA GLU A 63 16.50 32.58 -5.76
C GLU A 63 15.80 31.47 -6.54
N ARG A 64 15.02 30.66 -5.84
CA ARG A 64 14.36 29.51 -6.46
C ARG A 64 13.15 29.90 -7.30
N LEU A 65 12.55 31.04 -6.98
CA LEU A 65 11.36 31.50 -7.69
C LEU A 65 11.70 32.32 -8.94
N GLN A 66 12.98 32.64 -9.10
CA GLN A 66 13.43 33.44 -10.24
C GLN A 66 13.53 32.61 -11.51
N THR A 67 12.45 32.60 -12.28
CA THR A 67 12.40 31.86 -13.54
C THR A 67 11.64 32.65 -14.60
N VAL A 68 11.87 32.32 -15.87
CA VAL A 68 11.21 33.01 -16.97
C VAL A 68 9.69 32.91 -16.89
N THR A 69 9.19 31.72 -16.58
CA THR A 69 7.75 31.52 -16.45
C THR A 69 7.19 32.37 -15.31
N ASN A 70 8.01 32.56 -14.28
CA ASN A 70 7.64 33.40 -13.14
C ASN A 70 7.96 34.86 -13.41
N TYR A 71 8.66 35.11 -14.52
CA TYR A 71 9.04 36.47 -14.87
C TYR A 71 7.93 37.13 -15.67
N PHE A 72 7.02 36.31 -16.19
CA PHE A 72 5.84 36.81 -16.88
C PHE A 72 4.65 36.76 -15.93
N ILE A 73 4.76 35.97 -14.87
CA ILE A 73 3.72 35.88 -13.85
C ILE A 73 3.77 37.14 -12.99
N THR A 74 4.95 37.75 -12.92
CA THR A 74 5.12 39.00 -12.20
C THR A 74 4.72 40.18 -13.07
N SER A 75 4.70 39.96 -14.38
CA SER A 75 4.23 40.96 -15.32
C SER A 75 2.71 41.11 -15.15
N LEU A 76 2.03 39.99 -14.95
CA LEU A 76 0.60 39.98 -14.71
C LEU A 76 0.31 40.46 -13.29
N ALA A 77 1.32 40.39 -12.44
CA ALA A 77 1.18 40.87 -11.06
C ALA A 77 1.12 42.38 -11.04
N CYS A 78 1.91 43.03 -11.90
CA CYS A 78 1.91 44.47 -12.01
C CYS A 78 0.66 44.95 -12.73
N ALA A 79 0.26 44.22 -13.77
CA ALA A 79 -0.95 44.53 -14.51
C ALA A 79 -2.18 44.38 -13.62
N ASP A 80 -2.03 43.65 -12.53
CA ASP A 80 -3.13 43.42 -11.61
C ASP A 80 -3.06 44.39 -10.43
N LEU A 81 -1.84 44.73 -10.02
CA LEU A 81 -1.62 45.67 -8.93
C LEU A 81 -1.94 47.11 -9.36
N VAL A 82 -1.64 47.42 -10.61
CA VAL A 82 -1.95 48.74 -11.16
C VAL A 82 -3.45 48.91 -11.32
N MET A 83 -4.13 47.85 -11.74
CA MET A 83 -5.58 47.87 -11.90
C MET A 83 -6.26 47.82 -10.55
N GLY A 84 -5.49 47.58 -9.49
CA GLY A 84 -6.04 47.50 -8.15
C GLY A 84 -5.82 48.77 -7.35
N LEU A 85 -4.87 49.59 -7.80
CA LEU A 85 -4.56 50.85 -7.12
C LEU A 85 -4.97 52.06 -7.96
N ALA A 86 -5.34 51.82 -9.22
CA ALA A 86 -5.66 52.91 -10.13
C ALA A 86 -7.02 52.76 -10.80
N VAL A 87 -7.49 51.53 -10.96
CA VAL A 87 -8.74 51.28 -11.67
C VAL A 87 -9.89 50.87 -10.74
N VAL A 88 -9.63 49.89 -9.88
CA VAL A 88 -10.64 49.39 -8.96
C VAL A 88 -11.17 50.46 -7.99
N PRO A 89 -10.26 51.18 -7.31
CA PRO A 89 -10.70 52.19 -6.34
C PRO A 89 -11.60 53.25 -6.97
N PHE A 90 -11.07 54.01 -7.90
CA PHE A 90 -11.81 55.10 -8.53
C PHE A 90 -13.07 54.59 -9.25
N GLY A 91 -13.03 53.34 -9.71
CA GLY A 91 -14.14 52.76 -10.42
C GLY A 91 -15.22 52.24 -9.50
N ALA A 92 -14.92 52.20 -8.21
CA ALA A 92 -15.88 51.74 -7.20
C ALA A 92 -16.51 52.91 -6.46
N PHE A 109 -7.17 59.34 -18.64
CA PHE A 109 -5.98 58.77 -18.03
C PHE A 109 -6.34 57.67 -17.04
N TRP A 110 -7.59 57.69 -16.59
CA TRP A 110 -8.11 56.64 -15.71
C TRP A 110 -8.59 55.46 -16.56
N THR A 111 -9.09 55.77 -17.75
CA THR A 111 -9.53 54.75 -18.69
C THR A 111 -8.35 54.32 -19.56
N SER A 112 -7.37 55.21 -19.69
CA SER A 112 -6.17 54.91 -20.45
C SER A 112 -5.40 53.75 -19.83
N ILE A 113 -5.39 53.71 -18.51
CA ILE A 113 -4.70 52.66 -17.78
C ILE A 113 -5.54 51.38 -17.71
N ASP A 114 -6.86 51.55 -17.71
CA ASP A 114 -7.77 50.41 -17.67
C ASP A 114 -7.55 49.51 -18.89
N VAL A 115 -7.22 50.13 -20.02
CA VAL A 115 -6.93 49.37 -21.24
C VAL A 115 -5.51 48.79 -21.18
N LEU A 116 -4.55 49.64 -20.85
CA LEU A 116 -3.15 49.22 -20.77
C LEU A 116 -2.97 47.97 -19.91
N CYS A 117 -3.77 47.84 -18.86
CA CYS A 117 -3.67 46.71 -17.95
C CYS A 117 -4.22 45.44 -18.60
N VAL A 118 -5.50 45.46 -18.97
CA VAL A 118 -6.18 44.29 -19.52
C VAL A 118 -5.60 43.86 -20.87
N THR A 119 -5.26 44.83 -21.71
CA THR A 119 -4.69 44.55 -23.02
C THR A 119 -3.25 44.08 -22.93
N ALA A 120 -2.75 43.95 -21.70
CA ALA A 120 -1.41 43.44 -21.46
C ALA A 120 -1.47 42.06 -20.80
N SER A 121 -2.59 41.77 -20.15
CA SER A 121 -2.78 40.49 -19.50
C SER A 121 -3.00 39.39 -20.55
N ILE A 122 -4.12 39.47 -21.26
CA ILE A 122 -4.43 38.51 -22.32
C ILE A 122 -3.33 38.50 -23.37
N GLU A 123 -2.51 39.54 -23.39
CA GLU A 123 -1.38 39.63 -24.31
C GLU A 123 -0.22 38.78 -23.82
N THR A 124 0.03 38.83 -22.52
CA THR A 124 1.09 38.03 -21.90
C THR A 124 0.64 36.58 -21.74
N LEU A 125 -0.67 36.37 -21.54
CA LEU A 125 -1.23 35.03 -21.50
C LEU A 125 -0.87 34.29 -22.78
N CYS A 126 -0.73 35.04 -23.85
CA CYS A 126 -0.31 34.48 -25.14
C CYS A 126 1.18 34.19 -25.11
N VAL A 127 1.95 35.08 -24.47
CA VAL A 127 3.38 34.92 -24.35
C VAL A 127 3.73 33.63 -23.62
N ILE A 128 2.93 33.28 -22.61
CA ILE A 128 3.16 32.09 -21.82
C ILE A 128 2.96 30.81 -22.63
N ALA A 129 1.78 30.68 -23.24
CA ALA A 129 1.45 29.48 -24.01
C ALA A 129 2.44 29.24 -25.15
N VAL A 130 3.06 30.31 -25.63
CA VAL A 130 4.05 30.21 -26.69
C VAL A 130 5.44 29.90 -26.14
N ASP A 131 5.73 30.42 -24.95
CA ASP A 131 7.01 30.18 -24.29
C ASP A 131 7.09 28.73 -23.81
N ARG A 132 6.04 28.28 -23.14
CA ARG A 132 6.00 26.92 -22.62
C ARG A 132 6.00 25.88 -23.74
N TYR A 133 5.55 26.30 -24.92
CA TYR A 133 5.56 25.43 -26.09
C TYR A 133 6.98 25.21 -26.59
N PHE A 134 7.73 26.30 -26.69
CA PHE A 134 9.13 26.22 -27.12
C PHE A 134 9.97 25.44 -26.11
N ALA A 135 9.37 25.09 -24.98
CA ALA A 135 10.06 24.36 -23.92
C ALA A 135 9.72 22.87 -23.95
N ILE A 136 8.49 22.55 -24.34
CA ILE A 136 8.06 21.16 -24.45
C ILE A 136 8.53 20.55 -25.77
N THR A 137 8.26 21.24 -26.87
CA THR A 137 8.77 20.82 -28.17
C THR A 137 10.29 20.90 -28.18
N SER A 138 10.84 21.54 -27.15
CA SER A 138 12.29 21.66 -27.00
C SER A 138 12.95 20.29 -26.90
N PRO A 139 14.23 20.20 -27.30
CA PRO A 139 14.94 18.93 -27.32
C PRO A 139 15.63 18.60 -26.00
N PHE A 140 16.15 19.62 -25.33
CA PHE A 140 17.05 19.42 -24.19
C PHE A 140 16.30 19.29 -22.86
N LYS A 141 16.17 20.41 -22.15
CA LYS A 141 15.54 20.42 -20.84
C LYS A 141 14.15 21.05 -20.93
N TYR A 142 13.27 20.72 -19.98
CA TYR A 142 11.98 21.39 -19.88
C TYR A 142 12.21 22.83 -19.45
N GLN A 143 12.52 23.68 -20.43
CA GLN A 143 13.01 25.02 -20.14
C GLN A 143 13.04 25.86 -21.41
N SER A 144 12.46 27.05 -21.34
CA SER A 144 12.40 27.94 -22.50
C SER A 144 13.79 28.43 -22.91
N LEU A 145 13.96 28.74 -24.19
CA LEU A 145 15.23 29.22 -24.70
C LEU A 145 15.36 30.74 -24.54
N LEU A 146 14.29 31.36 -24.04
CA LEU A 146 14.31 32.79 -23.74
C LEU A 146 15.20 33.07 -22.53
N THR A 147 16.26 33.86 -22.74
CA THR A 147 17.20 34.17 -21.68
C THR A 147 16.63 35.19 -20.71
N LYS A 148 17.23 35.26 -19.51
CA LYS A 148 16.76 36.17 -18.47
C LYS A 148 16.69 37.62 -18.98
N ASN A 149 17.72 38.04 -19.70
CA ASN A 149 17.78 39.40 -20.20
C ASN A 149 16.94 39.64 -21.45
N LYS A 150 16.65 38.56 -22.17
CA LYS A 150 15.77 38.63 -23.34
C LYS A 150 14.31 38.43 -22.92
N ALA A 151 14.11 38.09 -21.66
CA ALA A 151 12.76 37.97 -21.11
C ALA A 151 12.30 39.34 -20.61
N ARG A 152 13.26 40.17 -20.22
CA ARG A 152 12.96 41.52 -19.76
C ARG A 152 12.63 42.44 -20.93
N VAL A 153 13.26 42.18 -22.08
CA VAL A 153 13.04 43.01 -23.26
C VAL A 153 11.72 42.70 -23.94
N ILE A 154 11.26 41.45 -23.79
CA ILE A 154 9.96 41.07 -24.34
C ILE A 154 8.85 41.42 -23.35
N ILE A 155 9.24 41.66 -22.11
CA ILE A 155 8.30 42.15 -21.10
C ILE A 155 8.04 43.62 -21.29
N LEU A 156 9.10 44.37 -21.55
CA LEU A 156 8.99 45.81 -21.78
C LEU A 156 8.25 46.10 -23.08
N MET A 157 8.40 45.21 -24.06
CA MET A 157 7.75 45.36 -25.35
C MET A 157 6.26 45.04 -25.27
N VAL A 158 5.89 44.19 -24.32
CA VAL A 158 4.49 43.84 -24.12
C VAL A 158 3.71 45.05 -23.62
N TRP A 159 4.36 45.88 -22.81
CA TRP A 159 3.72 47.08 -22.27
C TRP A 159 3.58 48.18 -23.34
N ILE A 160 4.67 48.44 -24.06
CA ILE A 160 4.68 49.49 -25.08
C ILE A 160 3.63 49.23 -26.16
N VAL A 161 3.59 48.00 -26.67
CA VAL A 161 2.60 47.62 -27.67
C VAL A 161 1.20 47.67 -27.09
N SER A 162 1.08 47.31 -25.82
CA SER A 162 -0.21 47.34 -25.12
C SER A 162 -0.64 48.77 -24.84
N GLY A 163 0.32 49.69 -24.90
CA GLY A 163 0.05 51.10 -24.65
C GLY A 163 -0.33 51.85 -25.93
N LEU A 164 0.33 51.50 -27.03
CA LEU A 164 0.03 52.10 -28.32
C LEU A 164 -1.32 51.62 -28.85
N THR A 165 -1.93 50.68 -28.12
CA THR A 165 -3.24 50.16 -28.47
C THR A 165 -4.27 50.48 -27.40
N SER A 204 -11.22 47.04 -31.42
CA SER A 204 -9.93 46.63 -30.89
C SER A 204 -10.04 45.31 -30.13
N SER A 205 -11.26 44.81 -30.00
CA SER A 205 -11.50 43.55 -29.32
C SER A 205 -11.05 42.36 -30.18
N ILE A 206 -10.63 42.66 -31.40
CA ILE A 206 -10.11 41.63 -32.30
C ILE A 206 -8.59 41.73 -32.37
N VAL A 207 -8.07 42.92 -32.13
CA VAL A 207 -6.63 43.16 -32.17
C VAL A 207 -5.98 42.88 -30.83
N SER A 208 -6.70 43.16 -29.75
CA SER A 208 -6.13 43.03 -28.42
C SER A 208 -6.84 41.98 -27.55
N PHE A 209 -7.88 41.37 -28.09
CA PHE A 209 -8.59 40.32 -27.36
C PHE A 209 -8.71 39.03 -28.17
N TYR A 210 -9.34 39.11 -29.34
CA TYR A 210 -9.53 37.94 -30.19
C TYR A 210 -8.19 37.30 -30.55
N VAL A 211 -7.39 38.00 -31.36
CA VAL A 211 -6.09 37.49 -31.80
C VAL A 211 -5.24 36.88 -30.68
N PRO A 212 -5.01 37.65 -29.60
CA PRO A 212 -4.14 37.13 -28.54
C PRO A 212 -4.77 35.97 -27.77
N LEU A 213 -6.09 35.83 -27.85
CA LEU A 213 -6.78 34.70 -27.20
C LEU A 213 -6.93 33.54 -28.17
N VAL A 214 -7.16 33.85 -29.43
CA VAL A 214 -7.29 32.83 -30.46
C VAL A 214 -6.05 31.93 -30.48
N ILE A 215 -4.88 32.54 -30.66
CA ILE A 215 -3.64 31.78 -30.72
C ILE A 215 -3.24 31.21 -29.36
N MET A 216 -3.57 31.95 -28.30
CA MET A 216 -3.25 31.55 -26.93
C MET A 216 -3.95 30.24 -26.54
N VAL A 217 -5.11 29.98 -27.12
CA VAL A 217 -5.87 28.78 -26.81
C VAL A 217 -5.42 27.58 -27.63
N PHE A 218 -5.09 27.81 -28.89
CA PHE A 218 -4.64 26.73 -29.77
C PHE A 218 -3.18 26.35 -29.52
N VAL A 219 -2.33 27.33 -29.34
CA VAL A 219 -0.92 27.07 -29.03
C VAL A 219 -0.79 26.31 -27.72
N TYR A 220 -1.63 26.66 -26.76
CA TYR A 220 -1.64 25.98 -25.47
C TYR A 220 -2.32 24.61 -25.57
N SER A 221 -3.30 24.50 -26.44
CA SER A 221 -3.97 23.22 -26.67
C SER A 221 -2.95 22.22 -27.21
N ARG A 222 -2.12 22.68 -28.13
CA ARG A 222 -1.04 21.85 -28.68
C ARG A 222 -0.10 21.39 -27.57
N VAL A 223 0.11 22.26 -26.59
CA VAL A 223 1.01 21.98 -25.48
C VAL A 223 0.48 20.89 -24.56
N PHE A 224 -0.73 21.07 -24.05
CA PHE A 224 -1.34 20.10 -23.13
C PHE A 224 -1.45 18.72 -23.77
N GLN A 225 -1.59 18.69 -25.09
CA GLN A 225 -1.71 17.43 -25.83
C GLN A 225 -0.36 16.72 -25.92
N GLU A 226 0.68 17.47 -26.30
CA GLU A 226 2.03 16.93 -26.39
C GLU A 226 2.54 16.56 -25.01
N ALA A 227 2.10 17.30 -24.01
CA ALA A 227 2.49 17.07 -22.62
C ALA A 227 1.90 15.77 -22.09
N LYS A 228 0.91 15.24 -22.79
CA LYS A 228 0.30 13.97 -22.42
C LYS A 228 1.00 12.82 -23.13
N ARG A 229 1.29 13.02 -24.41
CA ARG A 229 2.01 12.04 -25.21
C ARG A 229 3.36 11.75 -24.57
N GLN A 230 4.01 12.80 -24.09
CA GLN A 230 5.33 12.68 -23.47
C GLN A 230 5.23 12.23 -22.02
N LEU A 231 4.18 12.68 -21.33
CA LEU A 231 4.01 12.38 -19.92
C LEU A 231 4.07 10.89 -19.61
N GLN A 232 3.46 10.08 -20.46
CA GLN A 232 3.46 8.64 -20.24
C GLN A 232 4.20 7.86 -21.33
N LYS A 233 5.08 8.56 -22.04
CA LYS A 233 6.05 7.88 -22.89
C LYS A 233 7.20 7.46 -21.98
N ILE A 234 7.07 7.82 -20.72
CA ILE A 234 8.04 7.50 -19.68
C ILE A 234 8.05 6.01 -19.39
N ASP A 235 9.22 5.47 -19.06
CA ASP A 235 9.33 4.07 -18.68
C ASP A 235 8.41 3.79 -17.50
N LYS A 236 7.44 2.90 -17.70
CA LYS A 236 6.47 2.58 -16.67
C LYS A 236 7.16 2.12 -15.40
N SER A 237 8.29 1.45 -15.55
CA SER A 237 9.08 0.98 -14.41
C SER A 237 9.58 2.14 -13.56
N GLU A 238 9.65 3.33 -14.17
CA GLU A 238 10.18 4.50 -13.49
C GLU A 238 9.19 5.02 -12.46
N GLY A 239 9.48 4.79 -11.19
CA GLY A 239 8.66 5.30 -10.12
C GLY A 239 8.12 4.24 -9.17
N ARG A 240 8.24 2.97 -9.56
CA ARG A 240 7.78 1.87 -8.73
C ARG A 240 8.85 0.80 -8.56
N PHE A 241 9.83 0.82 -9.45
CA PHE A 241 11.03 0.01 -9.26
C PHE A 241 12.27 0.84 -9.58
N HIS A 242 12.24 2.11 -9.18
CA HIS A 242 13.35 3.03 -9.46
C HIS A 242 14.67 2.28 -9.42
N VAL A 243 15.10 1.93 -8.21
CA VAL A 243 16.23 1.02 -7.99
C VAL A 243 16.33 0.62 -6.52
N LYS A 264 13.90 16.90 -17.34
CA LYS A 264 13.03 15.86 -17.88
C LYS A 264 11.59 16.09 -17.47
N PHE A 265 10.69 16.11 -18.45
CA PHE A 265 9.27 16.33 -18.20
C PHE A 265 8.65 15.14 -17.47
N CYS A 266 8.02 15.40 -16.33
CA CYS A 266 7.40 14.35 -15.54
C CYS A 266 6.04 14.78 -15.00
N LEU A 267 5.49 13.99 -14.10
CA LEU A 267 4.17 14.24 -13.54
C LEU A 267 4.13 15.51 -12.69
N LYS A 268 5.28 15.92 -12.17
CA LYS A 268 5.37 17.16 -11.41
C LYS A 268 5.28 18.34 -12.35
N GLU A 269 6.06 18.30 -13.43
CA GLU A 269 6.05 19.36 -14.43
C GLU A 269 4.76 19.34 -15.23
N HIS A 270 3.91 18.35 -14.94
CA HIS A 270 2.61 18.23 -15.60
C HIS A 270 1.53 18.94 -14.80
N LYS A 271 1.88 19.38 -13.60
CA LYS A 271 0.97 20.18 -12.78
C LYS A 271 1.35 21.66 -12.88
N ALA A 272 2.50 21.92 -13.50
CA ALA A 272 2.92 23.29 -13.75
C ALA A 272 2.12 23.85 -14.92
N LEU A 273 1.63 22.96 -15.77
CA LEU A 273 0.78 23.33 -16.89
C LEU A 273 -0.69 23.25 -16.49
N LYS A 274 -0.93 22.73 -15.30
CA LYS A 274 -2.27 22.72 -14.73
C LYS A 274 -2.55 24.06 -14.06
N THR A 275 -1.57 24.52 -13.28
CA THR A 275 -1.68 25.82 -12.61
C THR A 275 -1.62 26.95 -13.60
N LEU A 276 -0.98 26.71 -14.75
CA LEU A 276 -0.92 27.69 -15.82
C LEU A 276 -2.10 27.53 -16.77
N GLY A 277 -2.71 26.35 -16.75
CA GLY A 277 -3.86 26.07 -17.59
C GLY A 277 -5.14 26.64 -17.02
N ILE A 278 -5.17 26.79 -15.70
CA ILE A 278 -6.33 27.35 -15.02
C ILE A 278 -6.24 28.86 -14.91
N ILE A 279 -5.02 29.38 -14.76
CA ILE A 279 -4.80 30.83 -14.72
C ILE A 279 -5.08 31.42 -16.09
N MET A 280 -5.00 30.58 -17.11
CA MET A 280 -5.28 30.98 -18.48
C MET A 280 -6.71 30.63 -18.86
N GLY A 281 -7.30 29.73 -18.09
CA GLY A 281 -8.66 29.28 -18.34
C GLY A 281 -9.69 30.03 -17.52
N THR A 282 -9.22 30.86 -16.60
CA THR A 282 -10.12 31.67 -15.77
C THR A 282 -10.21 33.09 -16.32
N PHE A 283 -9.10 33.58 -16.84
CA PHE A 283 -9.05 34.92 -17.42
C PHE A 283 -9.96 35.01 -18.63
N THR A 284 -10.22 33.87 -19.26
CA THR A 284 -11.08 33.82 -20.44
C THR A 284 -12.56 33.87 -20.04
N LEU A 285 -12.94 33.09 -19.04
CA LEU A 285 -14.34 33.07 -18.58
C LEU A 285 -14.70 34.28 -17.74
N CYS A 286 -13.71 35.14 -17.49
CA CYS A 286 -13.95 36.36 -16.73
C CYS A 286 -13.97 37.58 -17.64
N TRP A 287 -13.51 37.41 -18.88
CA TRP A 287 -13.46 38.51 -19.83
C TRP A 287 -14.06 38.14 -21.19
N LEU A 288 -14.61 36.94 -21.30
CA LEU A 288 -15.27 36.51 -22.53
C LEU A 288 -16.68 37.08 -22.63
N PRO A 289 -17.51 36.86 -21.60
CA PRO A 289 -18.87 37.42 -21.61
C PRO A 289 -18.84 38.94 -21.73
N PHE A 290 -17.74 39.55 -21.29
CA PHE A 290 -17.58 41.00 -21.38
C PHE A 290 -17.33 41.44 -22.82
N PHE A 291 -16.41 40.75 -23.50
CA PHE A 291 -16.09 41.07 -24.89
C PHE A 291 -17.12 40.53 -25.86
N ILE A 292 -17.99 39.64 -25.37
CA ILE A 292 -19.07 39.10 -26.19
C ILE A 292 -20.24 40.07 -26.26
N VAL A 308 -26.31 45.12 -16.43
CA VAL A 308 -25.71 43.84 -16.79
C VAL A 308 -24.32 44.03 -17.37
N TYR A 309 -24.17 45.03 -18.23
CA TYR A 309 -22.88 45.32 -18.86
C TYR A 309 -21.83 45.74 -17.83
N ILE A 310 -22.30 46.35 -16.74
CA ILE A 310 -21.41 46.76 -15.66
C ILE A 310 -21.09 45.59 -14.74
N LEU A 311 -21.99 44.61 -14.69
CA LEU A 311 -21.79 43.43 -13.85
C LEU A 311 -20.79 42.47 -14.49
N LEU A 312 -20.80 42.40 -15.82
CA LEU A 312 -19.85 41.58 -16.55
C LEU A 312 -18.49 42.28 -16.60
N ASN A 313 -18.51 43.60 -16.53
CA ASN A 313 -17.29 44.38 -16.39
C ASN A 313 -16.83 44.31 -14.94
N TRP A 314 -17.67 43.73 -14.10
CA TRP A 314 -17.34 43.51 -12.70
C TRP A 314 -16.79 42.08 -12.53
N ILE A 315 -17.23 41.19 -13.40
CA ILE A 315 -16.71 39.83 -13.43
C ILE A 315 -15.27 39.85 -13.92
N GLY A 316 -14.94 40.84 -14.73
CA GLY A 316 -13.58 41.01 -15.23
C GLY A 316 -12.61 41.30 -14.10
N TYR A 317 -13.06 42.08 -13.12
CA TYR A 317 -12.21 42.44 -11.99
C TYR A 317 -12.01 41.27 -11.03
N VAL A 318 -12.71 40.17 -11.30
CA VAL A 318 -12.63 38.99 -10.44
C VAL A 318 -11.33 38.21 -10.68
N ASN A 319 -10.78 38.35 -11.88
CA ASN A 319 -9.53 37.67 -12.21
C ASN A 319 -8.35 38.27 -11.45
N SER A 320 -8.64 39.24 -10.60
CA SER A 320 -7.61 39.95 -9.84
C SER A 320 -7.37 39.30 -8.49
N GLY A 321 -8.30 38.45 -8.07
CA GLY A 321 -8.18 37.75 -6.80
C GLY A 321 -8.02 36.26 -6.98
N PHE A 322 -7.79 35.82 -8.21
CA PHE A 322 -7.64 34.41 -8.51
C PHE A 322 -6.17 34.01 -8.67
N ASN A 323 -5.36 34.94 -9.14
CA ASN A 323 -3.94 34.68 -9.36
C ASN A 323 -3.19 34.18 -8.11
N PRO A 324 -3.31 34.92 -7.00
CA PRO A 324 -2.63 34.51 -5.76
C PRO A 324 -3.38 33.38 -5.05
N LEU A 325 -4.57 33.06 -5.53
CA LEU A 325 -5.39 32.02 -4.92
C LEU A 325 -5.02 30.64 -5.46
N ILE A 326 -5.05 30.50 -6.78
CA ILE A 326 -4.70 29.24 -7.43
C ILE A 326 -3.21 28.95 -7.30
N TYR A 327 -2.43 29.98 -7.03
CA TYR A 327 -0.98 29.83 -6.87
C TYR A 327 -0.63 29.30 -5.49
N CYS A 328 -1.62 28.80 -4.77
CA CYS A 328 -1.39 28.21 -3.45
C CYS A 328 -1.44 26.69 -3.52
N ARG A 329 -2.64 26.14 -3.67
CA ARG A 329 -2.82 24.70 -3.76
C ARG A 329 -2.58 24.19 -5.19
N SER A 330 -1.46 24.59 -5.78
CA SER A 330 -1.10 24.11 -7.11
C SER A 330 0.42 24.13 -7.35
N PRO A 331 1.06 25.30 -7.18
CA PRO A 331 2.49 25.41 -7.43
C PRO A 331 3.32 25.46 -6.15
N ASP A 332 4.58 25.85 -6.29
CA ASP A 332 5.49 25.96 -5.16
C ASP A 332 5.20 27.22 -4.35
N PHE A 333 4.54 28.17 -4.99
CA PHE A 333 4.25 29.47 -4.37
C PHE A 333 3.64 29.32 -2.97
N ARG A 334 2.90 28.24 -2.76
CA ARG A 334 2.36 27.93 -1.45
C ARG A 334 3.41 28.17 -0.36
N ILE A 335 4.59 27.56 -0.55
CA ILE A 335 5.67 27.68 0.42
C ILE A 335 6.26 29.09 0.40
N ALA A 336 6.25 29.70 -0.78
CA ALA A 336 6.69 31.08 -0.93
C ALA A 336 5.83 32.03 -0.11
N PHE A 337 4.51 31.93 -0.30
CA PHE A 337 3.58 32.83 0.37
C PHE A 337 3.65 32.69 1.88
N GLN A 338 3.78 31.45 2.34
CA GLN A 338 3.81 31.18 3.77
C GLN A 338 5.09 31.70 4.43
N GLU A 339 6.16 31.76 3.64
CA GLU A 339 7.42 32.35 4.10
C GLU A 339 7.28 33.86 4.25
N LEU A 340 6.76 34.49 3.21
CA LEU A 340 6.58 35.93 3.20
C LEU A 340 5.71 36.36 4.37
N LEU A 341 5.11 35.39 5.05
CA LEU A 341 4.23 35.66 6.17
C LEU A 341 4.61 34.87 7.43
N CYS A 342 5.90 34.87 7.73
CA CYS A 342 6.41 34.40 9.02
C CYS A 342 5.81 33.08 9.52
N LEU A 343 6.08 32.01 8.78
CA LEU A 343 5.74 30.65 9.21
C LEU A 343 4.28 30.49 9.58
N ARG A 344 3.41 30.94 8.68
CA ARG A 344 1.98 31.07 8.97
C ARG A 344 1.43 29.99 9.90
N ARG A 345 1.18 28.80 9.35
CA ARG A 345 0.44 27.77 10.07
C ARG A 345 0.92 26.34 9.89
N SER A 346 1.34 26.00 8.66
CA SER A 346 1.68 24.62 8.33
C SER A 346 3.12 24.27 8.67
N SER A 347 3.69 25.01 9.62
CA SER A 347 5.06 24.81 10.07
C SER A 347 5.15 23.69 11.11
N ASP B 1 -11.09 -6.25 -18.04
CA ASP B 1 -9.84 -5.54 -17.94
C ASP B 1 -8.75 -6.19 -18.78
N ILE B 2 -7.85 -6.93 -18.13
CA ILE B 2 -6.77 -7.62 -18.83
C ILE B 2 -6.36 -8.90 -18.12
N LYS B 3 -7.07 -9.98 -18.43
CA LYS B 3 -6.83 -11.28 -17.80
C LYS B 3 -5.38 -11.72 -17.92
N MET B 4 -4.89 -12.43 -16.91
CA MET B 4 -3.53 -12.97 -16.91
C MET B 4 -3.46 -14.34 -16.26
N THR B 5 -3.47 -15.38 -17.08
CA THR B 5 -3.36 -16.75 -16.59
C THR B 5 -1.91 -17.02 -16.17
N GLN B 6 -1.69 -18.15 -15.49
CA GLN B 6 -0.40 -18.42 -14.89
C GLN B 6 -0.21 -19.90 -14.58
N SER B 7 0.17 -20.68 -15.59
CA SER B 7 0.40 -22.12 -15.42
C SER B 7 1.84 -22.41 -15.08
N PRO B 8 2.09 -23.43 -14.24
CA PRO B 8 1.09 -24.30 -13.61
C PRO B 8 0.41 -23.66 -12.41
N SER B 9 -0.39 -24.45 -11.70
CA SER B 9 -1.09 -23.99 -10.51
C SER B 9 -0.41 -24.56 -9.27
N SER B 10 -0.06 -25.84 -9.35
CA SER B 10 0.66 -26.53 -8.28
C SER B 10 1.93 -27.12 -8.88
N MET B 11 2.95 -27.36 -8.06
CA MET B 11 4.22 -27.88 -8.58
C MET B 11 5.15 -28.41 -7.49
N TYR B 12 5.51 -29.69 -7.61
CA TYR B 12 6.45 -30.34 -6.71
C TYR B 12 7.77 -30.59 -7.42
N ALA B 13 8.83 -29.94 -6.94
CA ALA B 13 10.16 -30.13 -7.50
C ALA B 13 11.16 -30.50 -6.41
N SER B 14 12.32 -30.99 -6.80
CA SER B 14 13.33 -31.39 -5.81
C SER B 14 14.54 -30.47 -5.87
N LEU B 15 15.22 -30.34 -4.73
CA LEU B 15 16.42 -29.51 -4.64
C LEU B 15 17.38 -29.77 -5.79
N GLY B 16 17.89 -28.69 -6.39
CA GLY B 16 18.88 -28.81 -7.43
C GLY B 16 18.33 -28.70 -8.84
N GLU B 17 17.09 -29.17 -9.05
CA GLU B 17 16.48 -29.14 -10.36
C GLU B 17 15.85 -27.78 -10.66
N ARG B 18 15.79 -27.41 -11.94
CA ARG B 18 15.27 -26.11 -12.35
C ARG B 18 13.77 -26.14 -12.57
N VAL B 19 13.04 -25.37 -11.78
CA VAL B 19 11.61 -25.21 -11.96
C VAL B 19 11.35 -24.03 -12.90
N THR B 20 10.34 -24.17 -13.76
CA THR B 20 9.96 -23.09 -14.67
C THR B 20 8.46 -22.86 -14.67
N ILE B 21 8.05 -21.62 -14.43
CA ILE B 21 6.64 -21.26 -14.40
C ILE B 21 6.34 -20.18 -15.44
N THR B 22 5.26 -20.37 -16.20
CA THR B 22 4.93 -19.45 -17.28
C THR B 22 3.75 -18.55 -16.93
N CYS B 23 3.74 -17.34 -17.48
CA CYS B 23 2.68 -16.37 -17.21
C CYS B 23 2.31 -15.61 -18.48
N LYS B 24 1.10 -15.86 -18.99
CA LYS B 24 0.64 -15.21 -20.21
C LYS B 24 -0.48 -14.22 -19.97
N ALA B 25 -0.41 -13.06 -20.63
CA ALA B 25 -1.46 -12.05 -20.52
C ALA B 25 -2.32 -12.05 -21.77
N SER B 26 -3.54 -11.54 -21.65
CA SER B 26 -4.44 -11.44 -22.79
C SER B 26 -4.00 -10.32 -23.72
N GLN B 27 -3.67 -9.17 -23.14
CA GLN B 27 -3.20 -8.04 -23.92
C GLN B 27 -1.69 -8.13 -24.11
N ASP B 28 -1.13 -7.17 -24.82
CA ASP B 28 0.32 -7.14 -25.05
C ASP B 28 0.98 -6.07 -24.19
N ILE B 29 1.42 -6.47 -23.00
CA ILE B 29 2.18 -5.58 -22.13
C ILE B 29 3.60 -5.39 -22.66
N ASN B 30 4.14 -4.18 -22.51
CA ASN B 30 5.47 -3.88 -23.02
C ASN B 30 6.56 -4.35 -22.06
N SER B 31 6.66 -5.67 -21.91
CA SER B 31 7.58 -6.26 -20.95
C SER B 31 7.46 -5.62 -19.57
N TYR B 32 6.35 -4.93 -19.34
CA TYR B 32 6.08 -4.34 -18.04
C TYR B 32 5.47 -5.38 -17.11
N LEU B 33 6.21 -6.46 -16.88
CA LEU B 33 5.74 -7.55 -16.03
C LEU B 33 6.66 -7.74 -14.82
N SER B 34 6.08 -8.21 -13.72
CA SER B 34 6.82 -8.39 -12.48
C SER B 34 6.55 -9.76 -11.87
N TRP B 35 7.53 -10.32 -11.19
CA TRP B 35 7.38 -11.59 -10.49
C TRP B 35 7.60 -11.39 -8.99
N PHE B 36 6.67 -11.86 -8.16
CA PHE B 36 6.89 -11.79 -6.72
C PHE B 36 6.54 -13.09 -5.99
N GLN B 37 6.85 -13.14 -4.70
CA GLN B 37 6.81 -14.39 -3.95
C GLN B 37 6.14 -14.26 -2.59
N GLN B 38 4.99 -14.92 -2.43
CA GLN B 38 4.30 -14.97 -1.15
C GLN B 38 4.70 -16.21 -0.38
N LYS B 39 5.16 -16.02 0.85
CA LYS B 39 5.43 -17.15 1.75
C LYS B 39 4.41 -17.13 2.88
N PRO B 40 3.91 -18.32 3.26
CA PRO B 40 2.89 -18.46 4.29
C PRO B 40 3.20 -17.66 5.54
N GLY B 41 2.43 -16.61 5.79
CA GLY B 41 2.58 -15.80 6.99
C GLY B 41 3.49 -14.60 6.85
N LYS B 42 3.92 -14.31 5.63
CA LYS B 42 4.81 -13.19 5.38
C LYS B 42 4.24 -12.20 4.36
N SER B 43 4.98 -11.13 4.10
CA SER B 43 4.61 -10.16 3.08
C SER B 43 5.37 -10.48 1.79
N PRO B 44 4.70 -10.36 0.64
CA PRO B 44 5.26 -10.68 -0.67
C PRO B 44 6.56 -9.94 -0.96
N LYS B 45 7.62 -10.70 -1.21
CA LYS B 45 8.90 -10.13 -1.62
C LYS B 45 9.04 -10.22 -3.14
N THR B 46 9.47 -9.12 -3.78
CA THR B 46 9.58 -9.07 -5.24
C THR B 46 10.92 -9.58 -5.75
N LEU B 47 10.86 -10.43 -6.78
CA LEU B 47 12.06 -11.00 -7.37
C LEU B 47 12.47 -10.25 -8.64
N ILE B 48 11.52 -10.05 -9.54
CA ILE B 48 11.83 -9.49 -10.85
C ILE B 48 10.79 -8.46 -11.33
N TYR B 49 11.29 -7.45 -12.05
CA TYR B 49 10.43 -6.51 -12.75
C TYR B 49 10.96 -6.30 -14.17
N ARG B 50 10.18 -5.61 -14.99
CA ARG B 50 10.56 -5.35 -16.38
C ARG B 50 11.04 -6.62 -17.08
N ALA B 51 10.36 -7.73 -16.80
CA ALA B 51 10.48 -8.95 -17.60
C ALA B 51 11.74 -9.78 -17.32
N ASN B 52 12.84 -9.10 -17.01
CA ASN B 52 14.11 -9.79 -16.86
C ASN B 52 15.04 -9.18 -15.80
N ARG B 53 14.69 -8.01 -15.29
CA ARG B 53 15.58 -7.28 -14.39
C ARG B 53 15.43 -7.68 -12.92
N LEU B 54 16.27 -8.59 -12.47
CA LEU B 54 16.30 -9.00 -11.08
C LEU B 54 16.29 -7.80 -10.14
N VAL B 55 15.49 -7.88 -9.09
CA VAL B 55 15.53 -6.85 -8.06
C VAL B 55 16.81 -7.03 -7.24
N ASP B 56 17.33 -5.93 -6.71
CA ASP B 56 18.56 -5.97 -5.92
C ASP B 56 18.40 -6.77 -4.64
N GLY B 57 19.28 -7.73 -4.43
CA GLY B 57 19.25 -8.56 -3.24
C GLY B 57 18.66 -9.93 -3.48
N VAL B 58 18.19 -10.15 -4.70
CA VAL B 58 17.59 -11.42 -5.08
C VAL B 58 18.64 -12.36 -5.68
N PRO B 59 18.63 -13.63 -5.25
CA PRO B 59 19.57 -14.62 -5.74
C PRO B 59 19.60 -14.68 -7.27
N SER B 60 20.81 -14.76 -7.82
CA SER B 60 21.03 -14.75 -9.26
C SER B 60 20.51 -16.03 -9.93
N ARG B 61 19.94 -16.91 -9.14
CA ARG B 61 19.39 -18.16 -9.67
C ARG B 61 17.94 -17.98 -10.14
N PHE B 62 17.42 -16.77 -9.97
CA PHE B 62 16.11 -16.43 -10.52
C PHE B 62 16.26 -15.73 -11.87
N ILE B 63 15.56 -16.25 -12.87
CA ILE B 63 15.70 -15.77 -14.23
C ILE B 63 14.35 -15.56 -14.92
N GLY B 64 13.98 -14.29 -15.12
CA GLY B 64 12.78 -13.96 -15.84
C GLY B 64 13.08 -13.71 -17.31
N THR B 65 12.30 -14.32 -18.18
CA THR B 65 12.51 -14.16 -19.62
C THR B 65 11.21 -14.33 -20.40
N GLY B 66 10.70 -13.21 -20.90
CA GLY B 66 9.51 -13.21 -21.73
C GLY B 66 9.46 -11.95 -22.58
N SER B 67 8.44 -11.84 -23.42
CA SER B 67 8.29 -10.68 -24.28
C SER B 67 6.88 -10.57 -24.85
N GLY B 68 6.32 -9.37 -24.82
CA GLY B 68 5.03 -9.12 -25.43
C GLY B 68 3.84 -9.65 -24.66
N GLN B 69 3.47 -10.89 -24.92
CA GLN B 69 2.24 -11.45 -24.38
C GLN B 69 2.49 -12.63 -23.44
N ASP B 70 3.66 -13.25 -23.58
CA ASP B 70 4.00 -14.43 -22.77
C ASP B 70 5.37 -14.30 -22.11
N TYR B 71 5.42 -14.59 -20.80
CA TYR B 71 6.63 -14.51 -20.03
C TYR B 71 6.77 -15.75 -19.17
N SER B 72 7.84 -15.84 -18.39
CA SER B 72 8.08 -17.01 -17.55
C SER B 72 9.22 -16.83 -16.56
N LEU B 73 8.96 -17.17 -15.30
CA LEU B 73 9.99 -17.13 -14.26
C LEU B 73 10.66 -18.50 -14.12
N THR B 74 11.98 -18.52 -14.29
CA THR B 74 12.76 -19.75 -14.18
C THR B 74 13.71 -19.65 -13.00
N ILE B 75 13.85 -20.75 -12.26
CA ILE B 75 14.84 -20.80 -11.18
C ILE B 75 15.71 -22.05 -11.30
N SER B 76 16.88 -21.87 -11.91
CA SER B 76 17.83 -22.96 -12.06
C SER B 76 18.37 -23.35 -10.69
N SER B 77 18.57 -24.65 -10.49
CA SER B 77 19.07 -25.14 -9.21
C SER B 77 18.20 -24.68 -8.04
N LEU B 78 17.06 -25.33 -7.86
CA LEU B 78 16.10 -24.99 -6.81
C LEU B 78 16.70 -25.15 -5.41
N ASP B 79 16.52 -24.12 -4.57
CA ASP B 79 17.01 -24.16 -3.19
C ASP B 79 15.88 -24.42 -2.21
N TYR B 80 16.21 -24.97 -1.05
CA TYR B 80 15.21 -25.30 -0.04
C TYR B 80 14.37 -24.09 0.33
N ALA B 81 15.00 -22.92 0.40
CA ALA B 81 14.31 -21.71 0.81
C ALA B 81 13.30 -21.24 -0.24
N ASP B 82 13.32 -21.87 -1.41
CA ASP B 82 12.49 -21.44 -2.53
C ASP B 82 11.14 -22.17 -2.56
N MET B 83 10.44 -22.16 -1.44
CA MET B 83 9.14 -22.80 -1.34
C MET B 83 8.06 -21.77 -1.00
N GLY B 84 7.06 -21.65 -1.87
CA GLY B 84 5.99 -20.70 -1.64
C GLY B 84 5.04 -20.55 -2.81
N ILE B 85 4.38 -19.40 -2.90
CA ILE B 85 3.48 -19.11 -4.00
C ILE B 85 3.98 -17.93 -4.81
N TYR B 86 4.27 -18.16 -6.08
CA TYR B 86 4.82 -17.12 -6.95
C TYR B 86 3.72 -16.50 -7.82
N TYR B 87 3.64 -15.17 -7.80
CA TYR B 87 2.65 -14.45 -8.59
C TYR B 87 3.31 -13.57 -9.64
N CYS B 88 2.62 -13.37 -10.75
CA CYS B 88 3.07 -12.42 -11.76
C CYS B 88 2.15 -11.20 -11.74
N LEU B 89 2.65 -10.08 -12.22
CA LEU B 89 1.90 -8.84 -12.22
C LEU B 89 2.26 -7.99 -13.43
N GLN B 90 1.25 -7.40 -14.06
CA GLN B 90 1.48 -6.48 -15.16
C GLN B 90 1.11 -5.08 -14.72
N TYR B 91 1.95 -4.11 -15.08
CA TYR B 91 1.69 -2.71 -14.77
C TYR B 91 1.81 -1.88 -16.04
N ASP B 92 1.32 -2.41 -17.15
CA ASP B 92 1.37 -1.74 -18.44
C ASP B 92 0.23 -0.76 -18.58
N GLU B 93 -0.95 -1.14 -18.09
CA GLU B 93 -2.12 -0.28 -18.13
C GLU B 93 -3.07 -0.58 -16.98
N PHE B 94 -3.95 0.38 -16.68
CA PHE B 94 -4.93 0.21 -15.63
C PHE B 94 -6.10 -0.66 -16.10
N PRO B 95 -6.69 -1.42 -15.17
CA PRO B 95 -6.24 -1.54 -13.78
C PRO B 95 -5.19 -2.63 -13.66
N TYR B 96 -4.23 -2.44 -12.76
CA TYR B 96 -3.19 -3.45 -12.56
C TYR B 96 -3.80 -4.80 -12.25
N THR B 97 -3.45 -5.80 -13.05
CA THR B 97 -4.05 -7.12 -12.93
C THR B 97 -3.03 -8.18 -12.51
N PHE B 98 -3.28 -8.79 -11.35
CA PHE B 98 -2.39 -9.84 -10.84
C PHE B 98 -2.70 -11.19 -11.48
N GLY B 99 -1.75 -12.11 -11.36
CA GLY B 99 -1.95 -13.47 -11.85
C GLY B 99 -2.59 -14.33 -10.78
N GLY B 100 -2.88 -15.58 -11.13
CA GLY B 100 -3.48 -16.51 -10.19
C GLY B 100 -2.48 -16.87 -9.11
N GLY B 101 -1.24 -17.06 -9.52
CA GLY B 101 -0.18 -17.40 -8.60
C GLY B 101 0.05 -18.90 -8.52
N THR B 102 1.18 -19.35 -9.05
CA THR B 102 1.56 -20.75 -8.96
C THR B 102 2.21 -21.08 -7.61
N LYS B 103 1.91 -22.26 -7.09
CA LYS B 103 2.43 -22.68 -5.80
C LYS B 103 3.47 -23.77 -5.99
N LEU B 104 4.64 -23.59 -5.38
CA LEU B 104 5.77 -24.47 -5.58
C LEU B 104 6.17 -25.17 -4.28
N GLU B 105 6.15 -26.50 -4.29
CA GLU B 105 6.60 -27.28 -3.14
C GLU B 105 7.77 -28.20 -3.50
N ILE B 106 8.47 -28.67 -2.48
CA ILE B 106 9.68 -29.47 -2.69
C ILE B 106 9.50 -30.94 -2.27
N LYS B 107 9.66 -31.85 -3.22
CA LYS B 107 9.51 -33.28 -2.90
C LYS B 107 10.66 -33.78 -2.03
N ARG B 108 10.29 -34.32 -0.88
CA ARG B 108 11.25 -34.76 0.13
C ARG B 108 11.22 -36.27 0.24
N ALA B 109 11.94 -36.80 1.22
CA ALA B 109 11.92 -38.23 1.50
C ALA B 109 10.84 -38.52 2.54
N ASP B 110 10.05 -39.56 2.30
CA ASP B 110 8.97 -39.94 3.20
C ASP B 110 9.44 -39.92 4.66
N ALA B 111 8.69 -39.25 5.52
CA ALA B 111 9.04 -39.16 6.93
C ALA B 111 7.83 -39.37 7.83
N ALA B 112 8.00 -40.21 8.85
CA ALA B 112 6.93 -40.48 9.81
C ALA B 112 6.79 -39.34 10.81
N PRO B 113 5.54 -39.01 11.18
CA PRO B 113 5.22 -37.91 12.10
C PRO B 113 5.65 -38.22 13.53
N THR B 114 6.10 -37.18 14.24
CA THR B 114 6.44 -37.32 15.65
C THR B 114 5.24 -36.91 16.51
N VAL B 115 4.31 -37.83 16.71
CA VAL B 115 3.07 -37.53 17.41
C VAL B 115 3.29 -37.31 18.90
N SER B 116 2.51 -36.39 19.47
CA SER B 116 2.52 -36.14 20.91
C SER B 116 1.21 -35.51 21.38
N ILE B 117 0.63 -36.07 22.45
CA ILE B 117 -0.65 -35.58 22.97
C ILE B 117 -0.49 -34.90 24.32
N PHE B 118 -1.24 -33.83 24.53
CA PHE B 118 -1.16 -33.07 25.77
C PHE B 118 -2.54 -32.97 26.43
N PRO B 119 -2.63 -33.34 27.71
CA PRO B 119 -3.91 -33.22 28.42
C PRO B 119 -4.19 -31.77 28.75
N PRO B 120 -5.47 -31.44 28.98
CA PRO B 120 -5.89 -30.07 29.31
C PRO B 120 -5.06 -29.47 30.43
N SER B 121 -4.42 -28.34 30.16
CA SER B 121 -3.61 -27.66 31.17
C SER B 121 -4.43 -27.40 32.42
N SER B 122 -3.82 -27.64 33.59
CA SER B 122 -4.49 -27.43 34.86
C SER B 122 -5.05 -26.01 34.96
N GLU B 123 -4.47 -25.10 34.19
CA GLU B 123 -4.87 -23.70 34.21
C GLU B 123 -6.20 -23.46 33.50
N GLN B 124 -6.44 -24.21 32.42
CA GLN B 124 -7.68 -24.06 31.66
C GLN B 124 -8.86 -24.71 32.37
N LEU B 125 -8.62 -25.86 32.97
CA LEU B 125 -9.66 -26.59 33.69
C LEU B 125 -10.28 -25.71 34.77
N THR B 126 -9.42 -25.00 35.50
CA THR B 126 -9.88 -24.09 36.52
C THR B 126 -10.66 -22.93 35.90
N SER B 127 -10.27 -22.58 34.67
CA SER B 127 -10.92 -21.51 33.93
C SER B 127 -12.36 -21.86 33.60
N GLY B 128 -12.56 -23.04 33.02
CA GLY B 128 -13.90 -23.51 32.70
C GLY B 128 -13.95 -24.74 31.81
N GLY B 129 -13.11 -24.77 30.78
CA GLY B 129 -13.14 -25.84 29.80
C GLY B 129 -11.88 -26.69 29.79
N ALA B 130 -11.70 -27.45 28.72
CA ALA B 130 -10.59 -28.39 28.60
C ALA B 130 -10.29 -28.73 27.14
N SER B 131 -9.15 -28.25 26.65
CA SER B 131 -8.74 -28.52 25.28
C SER B 131 -7.62 -29.55 25.25
N VAL B 132 -7.87 -30.69 24.61
CA VAL B 132 -6.86 -31.72 24.44
C VAL B 132 -6.15 -31.57 23.10
N VAL B 133 -4.91 -31.09 23.13
CA VAL B 133 -4.14 -30.88 21.91
C VAL B 133 -3.32 -32.12 21.54
N CYS B 134 -3.11 -32.32 20.25
CA CYS B 134 -2.28 -33.39 19.73
C CYS B 134 -1.51 -32.90 18.51
N PHE B 135 -0.20 -33.13 18.48
CA PHE B 135 0.64 -32.65 17.38
C PHE B 135 1.16 -33.79 16.53
N LEU B 136 0.91 -33.70 15.22
CA LEU B 136 1.50 -34.63 14.27
C LEU B 136 2.58 -33.88 13.49
N ASN B 137 3.82 -33.99 13.94
CA ASN B 137 4.88 -33.14 13.44
C ASN B 137 5.85 -33.77 12.46
N ASN B 138 6.45 -32.92 11.62
CA ASN B 138 7.52 -33.32 10.71
C ASN B 138 7.28 -34.63 10.00
N PHE B 139 6.39 -34.61 9.00
CA PHE B 139 6.09 -35.81 8.22
C PHE B 139 5.93 -35.48 6.74
N TYR B 140 6.32 -36.42 5.88
CA TYR B 140 6.18 -36.30 4.45
C TYR B 140 5.77 -37.67 3.92
N PRO B 141 4.86 -37.72 2.93
CA PRO B 141 4.20 -36.63 2.21
C PRO B 141 3.19 -35.86 3.06
N LYS B 142 2.58 -34.83 2.48
CA LYS B 142 1.66 -33.97 3.21
C LYS B 142 0.42 -34.70 3.72
N ASP B 143 -0.07 -35.65 2.94
CA ASP B 143 -1.31 -36.35 3.28
C ASP B 143 -1.17 -37.19 4.56
N ILE B 144 -1.79 -36.72 5.63
CA ILE B 144 -1.74 -37.37 6.93
C ILE B 144 -3.18 -37.61 7.39
N ASN B 145 -3.36 -38.21 8.56
CA ASN B 145 -4.71 -38.50 9.04
C ASN B 145 -4.79 -38.95 10.50
N VAL B 146 -5.71 -38.36 11.26
CA VAL B 146 -5.90 -38.72 12.67
C VAL B 146 -7.35 -38.99 13.05
N LYS B 147 -7.53 -39.85 14.03
CA LYS B 147 -8.84 -40.13 14.59
C LYS B 147 -8.74 -40.13 16.11
N TRP B 148 -9.71 -39.50 16.77
CA TRP B 148 -9.72 -39.44 18.23
C TRP B 148 -10.45 -40.63 18.83
N LYS B 149 -9.86 -41.26 19.83
CA LYS B 149 -10.50 -42.34 20.56
C LYS B 149 -10.64 -41.98 22.03
N ILE B 150 -11.84 -42.20 22.57
CA ILE B 150 -12.08 -41.95 23.99
C ILE B 150 -12.75 -43.17 24.64
N ASP B 151 -12.09 -43.72 25.65
CA ASP B 151 -12.58 -44.92 26.33
C ASP B 151 -12.85 -46.03 25.32
N GLY B 152 -11.86 -46.35 24.50
CA GLY B 152 -12.02 -47.37 23.49
C GLY B 152 -12.84 -46.88 22.32
N SER B 153 -14.03 -46.38 22.61
CA SER B 153 -14.87 -45.77 21.60
C SER B 153 -14.11 -44.62 20.95
N GLU B 154 -14.63 -44.11 19.84
CA GLU B 154 -13.96 -43.01 19.15
C GLU B 154 -14.96 -42.06 18.51
N ARG B 155 -14.63 -40.78 18.51
CA ARG B 155 -15.50 -39.76 17.91
C ARG B 155 -14.71 -38.61 17.31
N GLN B 156 -15.42 -37.77 16.56
CA GLN B 156 -14.80 -36.68 15.82
C GLN B 156 -15.69 -35.43 15.86
N ASN B 157 -16.38 -35.27 16.98
CA ASN B 157 -17.29 -34.14 17.16
C ASN B 157 -16.65 -33.02 18.00
N GLY B 158 -16.42 -31.88 17.37
CA GLY B 158 -15.85 -30.74 18.06
C GLY B 158 -14.35 -30.63 17.89
N VAL B 159 -13.81 -31.44 16.98
CA VAL B 159 -12.37 -31.44 16.74
C VAL B 159 -11.99 -30.31 15.79
N LEU B 160 -10.88 -29.63 16.11
CA LEU B 160 -10.38 -28.53 15.30
C LEU B 160 -8.98 -28.84 14.77
N ASN B 161 -8.88 -29.12 13.47
CA ASN B 161 -7.60 -29.47 12.87
C ASN B 161 -6.96 -28.30 12.13
N SER B 162 -5.68 -28.43 11.80
CA SER B 162 -4.97 -27.38 11.09
C SER B 162 -3.59 -27.86 10.68
N TRP B 163 -3.25 -27.64 9.40
CA TRP B 163 -1.97 -28.06 8.87
C TRP B 163 -1.08 -26.86 8.55
N THR B 164 0.23 -27.06 8.61
CA THR B 164 1.17 -26.03 8.21
C THR B 164 1.57 -26.24 6.77
N ASP B 165 2.16 -25.22 6.16
CA ASP B 165 2.78 -25.35 4.86
C ASP B 165 4.17 -25.94 5.05
N GLN B 166 4.81 -26.32 3.95
CA GLN B 166 6.11 -26.97 4.02
C GLN B 166 7.12 -26.17 4.85
N ASP B 167 7.76 -26.85 5.79
CA ASP B 167 8.72 -26.22 6.70
C ASP B 167 9.93 -25.66 5.95
N SER B 168 10.52 -24.61 6.48
CA SER B 168 11.68 -23.99 5.88
C SER B 168 12.84 -24.97 5.77
N LYS B 169 13.38 -25.35 6.91
CA LYS B 169 14.55 -26.23 6.96
C LYS B 169 14.17 -27.66 6.61
N ASP B 170 13.36 -28.28 7.47
CA ASP B 170 13.01 -29.68 7.34
C ASP B 170 12.20 -30.00 6.09
N SER B 171 11.73 -28.95 5.42
CA SER B 171 10.90 -29.11 4.22
C SER B 171 9.89 -30.25 4.40
N THR B 172 9.14 -30.18 5.50
CA THR B 172 8.21 -31.24 5.87
C THR B 172 6.85 -30.65 6.26
N TYR B 173 5.90 -31.52 6.60
CA TYR B 173 4.55 -31.08 6.96
C TYR B 173 4.16 -31.47 8.38
N SER B 174 3.57 -30.52 9.11
CA SER B 174 3.11 -30.76 10.47
C SER B 174 1.62 -30.45 10.59
N MET B 175 0.92 -31.22 11.41
CA MET B 175 -0.50 -30.97 11.66
C MET B 175 -0.81 -30.90 13.15
N SER B 176 -1.80 -30.08 13.50
CA SER B 176 -2.27 -30.01 14.88
C SER B 176 -3.77 -30.24 14.94
N SER B 177 -4.19 -31.16 15.80
CA SER B 177 -5.60 -31.48 15.96
C SER B 177 -6.01 -31.34 17.43
N THR B 178 -6.99 -30.48 17.69
CA THR B 178 -7.44 -30.25 19.05
C THR B 178 -8.93 -30.47 19.19
N LEU B 179 -9.31 -31.48 19.96
CA LEU B 179 -10.71 -31.64 20.29
C LEU B 179 -11.01 -30.87 21.57
N THR B 180 -11.94 -29.92 21.47
CA THR B 180 -12.26 -29.03 22.58
C THR B 180 -13.52 -29.51 23.30
N LEU B 181 -13.42 -29.68 24.62
CA LEU B 181 -14.54 -30.12 25.43
C LEU B 181 -14.77 -29.17 26.59
N THR B 182 -15.80 -29.44 27.38
CA THR B 182 -16.03 -28.71 28.62
C THR B 182 -15.17 -29.36 29.69
N LYS B 183 -15.21 -28.81 30.91
CA LYS B 183 -14.58 -29.49 32.02
C LYS B 183 -15.38 -30.75 32.29
N ASP B 184 -16.70 -30.62 32.26
CA ASP B 184 -17.59 -31.74 32.51
C ASP B 184 -17.47 -32.80 31.43
N GLU B 185 -17.42 -32.38 30.18
CA GLU B 185 -17.26 -33.31 29.06
C GLU B 185 -16.02 -34.16 29.27
N TYR B 186 -14.90 -33.50 29.51
CA TYR B 186 -13.61 -34.15 29.68
C TYR B 186 -13.54 -34.98 30.96
N GLU B 187 -14.28 -34.56 31.98
CA GLU B 187 -14.31 -35.28 33.25
C GLU B 187 -15.06 -36.60 33.17
N ARG B 188 -15.94 -36.73 32.18
CA ARG B 188 -16.80 -37.90 32.09
C ARG B 188 -16.13 -39.12 31.46
N HIS B 189 -14.93 -38.94 30.92
CA HIS B 189 -14.21 -40.03 30.29
C HIS B 189 -12.79 -40.15 30.83
N ASN B 190 -12.16 -41.30 30.59
CA ASN B 190 -10.83 -41.57 31.12
C ASN B 190 -9.74 -41.67 30.05
N SER B 191 -9.87 -42.65 29.16
CA SER B 191 -8.89 -42.85 28.10
C SER B 191 -9.02 -41.82 26.99
N TYR B 192 -7.92 -41.16 26.66
CA TYR B 192 -7.89 -40.21 25.56
C TYR B 192 -6.75 -40.52 24.59
N THR B 193 -7.08 -41.17 23.48
CA THR B 193 -6.06 -41.63 22.54
C THR B 193 -6.05 -40.81 21.24
N CYS B 194 -4.85 -40.63 20.68
CA CYS B 194 -4.65 -39.88 19.45
C CYS B 194 -3.90 -40.71 18.42
N GLU B 195 -4.64 -41.34 17.51
CA GLU B 195 -4.04 -42.22 16.51
C GLU B 195 -3.85 -41.54 15.16
N ALA B 196 -2.63 -41.61 14.63
CA ALA B 196 -2.31 -40.99 13.34
C ALA B 196 -1.85 -42.03 12.33
N THR B 197 -2.58 -42.14 11.23
CA THR B 197 -2.22 -43.05 10.16
C THR B 197 -1.55 -42.29 9.02
N HIS B 198 -0.37 -42.76 8.61
CA HIS B 198 0.39 -42.09 7.56
C HIS B 198 0.97 -43.10 6.55
N LYS B 199 1.22 -42.63 5.33
CA LYS B 199 1.75 -43.48 4.28
C LYS B 199 3.01 -44.19 4.74
N THR B 200 3.75 -43.54 5.62
CA THR B 200 5.03 -44.04 6.10
C THR B 200 4.95 -45.45 6.69
N SER B 201 3.88 -45.72 7.43
CA SER B 201 3.71 -47.02 8.07
C SER B 201 2.28 -47.52 7.96
N THR B 202 2.11 -48.84 7.96
CA THR B 202 0.78 -49.44 7.91
C THR B 202 0.25 -49.55 9.34
N SER B 203 1.15 -49.52 10.31
CA SER B 203 0.78 -49.52 11.72
C SER B 203 0.62 -48.08 12.21
N PRO B 204 -0.63 -47.67 12.49
CA PRO B 204 -0.94 -46.31 12.93
C PRO B 204 -0.13 -45.91 14.17
N ILE B 205 0.55 -44.77 14.11
CA ILE B 205 1.27 -44.27 15.28
C ILE B 205 0.26 -43.82 16.33
N VAL B 206 0.50 -44.20 17.59
CA VAL B 206 -0.49 -43.98 18.63
C VAL B 206 0.06 -43.35 19.89
N LYS B 207 -0.64 -42.35 20.40
CA LYS B 207 -0.34 -41.75 21.69
C LYS B 207 -1.61 -41.60 22.50
N SER B 208 -1.49 -41.64 23.83
CA SER B 208 -2.67 -41.61 24.68
C SER B 208 -2.30 -41.28 26.13
N PHE B 209 -3.32 -41.02 26.94
CA PHE B 209 -3.12 -40.76 28.36
C PHE B 209 -4.41 -41.04 29.12
N ASN B 210 -4.29 -41.27 30.42
CA ASN B 210 -5.45 -41.49 31.27
C ASN B 210 -5.65 -40.33 32.24
N ARG B 211 -6.88 -39.82 32.29
CA ARG B 211 -7.21 -38.67 33.13
C ARG B 211 -7.03 -38.99 34.60
N ASN B 212 -7.15 -40.28 34.94
CA ASN B 212 -7.10 -40.72 36.33
C ASN B 212 -5.71 -40.75 36.93
N GLU B 213 -4.90 -41.69 36.48
CA GLU B 213 -3.60 -41.97 37.08
C GLU B 213 -2.68 -40.74 37.13
N CYS B 214 -3.05 -39.70 36.40
CA CYS B 214 -2.28 -38.47 36.40
C CYS B 214 -2.76 -37.56 37.53
N GLU C 1 17.13 -0.74 5.72
CA GLU C 1 16.22 0.01 6.56
C GLU C 1 15.12 0.71 5.74
N VAL C 2 14.80 0.14 4.59
CA VAL C 2 13.63 0.57 3.83
C VAL C 2 12.41 -0.14 4.41
N GLN C 3 11.33 0.58 4.66
CA GLN C 3 10.15 -0.06 5.22
C GLN C 3 8.88 0.80 5.20
N LEU C 4 7.75 0.13 5.03
CA LEU C 4 6.46 0.79 5.12
C LEU C 4 5.66 0.17 6.27
N GLN C 5 5.48 0.93 7.34
CA GLN C 5 4.79 0.44 8.53
C GLN C 5 3.29 0.48 8.36
N GLN C 6 2.61 -0.51 8.95
CA GLN C 6 1.15 -0.58 8.91
C GLN C 6 0.56 -1.08 10.23
N SER C 7 -0.74 -0.90 10.38
CA SER C 7 -1.43 -1.23 11.63
C SER C 7 -1.38 -2.71 11.98
N GLY C 8 -1.54 -3.57 10.97
CA GLY C 8 -1.53 -5.00 11.20
C GLY C 8 -2.89 -5.58 11.49
N ALA C 9 -3.67 -4.89 12.32
CA ALA C 9 -5.02 -5.33 12.66
C ALA C 9 -5.98 -4.14 12.82
N GLU C 10 -7.10 -4.20 12.12
CA GLU C 10 -8.10 -3.14 12.19
C GLU C 10 -9.52 -3.69 12.21
N LEU C 11 -10.26 -3.39 13.28
CA LEU C 11 -11.61 -3.90 13.46
C LEU C 11 -12.64 -2.77 13.27
N ALA C 12 -13.68 -3.05 12.48
CA ALA C 12 -14.69 -2.04 12.19
C ALA C 12 -16.05 -2.63 11.87
N ARG C 13 -17.10 -2.08 12.49
CA ARG C 13 -18.46 -2.57 12.28
C ARG C 13 -18.94 -2.37 10.84
N PRO C 14 -19.95 -3.13 10.43
CA PRO C 14 -20.52 -3.00 9.08
C PRO C 14 -21.22 -1.66 8.87
N GLY C 15 -21.06 -1.09 7.68
CA GLY C 15 -21.66 0.19 7.35
C GLY C 15 -20.79 1.36 7.77
N ALA C 16 -19.69 1.05 8.47
CA ALA C 16 -18.79 2.08 8.98
C ALA C 16 -17.68 2.42 8.00
N SER C 17 -16.62 3.04 8.51
CA SER C 17 -15.49 3.44 7.69
C SER C 17 -14.17 3.29 8.44
N VAL C 18 -13.12 2.95 7.71
CA VAL C 18 -11.79 2.84 8.28
C VAL C 18 -10.82 3.69 7.46
N LYS C 19 -9.76 4.17 8.11
CA LYS C 19 -8.70 4.91 7.41
C LYS C 19 -7.33 4.30 7.67
N LEU C 20 -6.91 3.42 6.77
CA LEU C 20 -5.67 2.67 6.92
C LEU C 20 -4.47 3.52 6.53
N SER C 21 -3.45 3.56 7.39
CA SER C 21 -2.26 4.35 7.15
C SER C 21 -1.05 3.48 6.87
N CYS C 22 -0.05 4.07 6.23
CA CYS C 22 1.17 3.36 5.86
C CYS C 22 2.37 4.31 5.97
N LYS C 23 3.18 4.12 7.01
CA LYS C 23 4.29 5.03 7.30
C LYS C 23 5.61 4.55 6.73
N ALA C 24 5.97 5.10 5.56
CA ALA C 24 7.20 4.73 4.89
C ALA C 24 8.40 5.51 5.42
N SER C 25 9.54 4.84 5.54
CA SER C 25 10.76 5.44 6.05
C SER C 25 11.97 4.58 5.72
N GLY C 26 12.81 5.07 4.82
CA GLY C 26 13.98 4.34 4.39
C GLY C 26 14.35 4.74 2.98
N TYR C 27 13.64 5.76 2.47
CA TYR C 27 13.85 6.26 1.14
C TYR C 27 13.13 7.60 1.03
N ILE C 28 13.19 8.22 -0.14
CA ILE C 28 12.51 9.49 -0.34
C ILE C 28 11.05 9.28 -0.76
N PHE C 29 10.15 9.55 0.17
CA PHE C 29 8.71 9.30 -0.01
C PHE C 29 8.22 9.72 -1.38
N THR C 30 8.62 10.90 -1.81
CA THR C 30 8.14 11.49 -3.05
C THR C 30 8.95 11.07 -4.27
N ASP C 31 9.42 9.83 -4.27
CA ASP C 31 10.16 9.29 -5.41
C ASP C 31 9.45 8.08 -6.00
N TYR C 32 8.49 7.55 -5.25
CA TYR C 32 7.79 6.34 -5.64
C TYR C 32 6.28 6.49 -5.49
N TYR C 33 5.54 5.95 -6.46
CA TYR C 33 4.12 5.75 -6.27
C TYR C 33 3.97 4.83 -5.08
N ILE C 34 2.85 4.96 -4.37
CA ILE C 34 2.50 3.92 -3.40
C ILE C 34 1.17 3.31 -3.82
N ASN C 35 1.13 1.98 -3.90
CA ASN C 35 -0.09 1.29 -4.30
C ASN C 35 -0.75 0.60 -3.13
N TRP C 36 -2.08 0.54 -3.17
CA TRP C 36 -2.82 -0.22 -2.18
C TRP C 36 -3.44 -1.46 -2.82
N VAL C 37 -3.04 -2.63 -2.33
CA VAL C 37 -3.54 -3.88 -2.87
C VAL C 37 -4.35 -4.64 -1.84
N ARG C 38 -5.47 -5.22 -2.26
CA ARG C 38 -6.29 -6.03 -1.37
C ARG C 38 -6.08 -7.52 -1.67
N GLN C 39 -5.79 -8.29 -0.62
CA GLN C 39 -5.67 -9.74 -0.76
C GLN C 39 -6.55 -10.43 0.28
N ARG C 40 -7.71 -10.93 -0.17
CA ARG C 40 -8.62 -11.64 0.72
C ARG C 40 -7.97 -12.91 1.24
N THR C 41 -8.48 -13.44 2.35
CA THR C 41 -7.92 -14.63 2.97
C THR C 41 -7.69 -15.76 1.97
N GLY C 42 -6.45 -16.17 1.83
CA GLY C 42 -6.10 -17.29 0.96
C GLY C 42 -6.54 -17.11 -0.47
N GLN C 43 -6.74 -15.86 -0.89
CA GLN C 43 -7.00 -15.56 -2.30
C GLN C 43 -5.93 -14.63 -2.86
N GLY C 44 -5.95 -14.46 -4.17
CA GLY C 44 -4.97 -13.61 -4.84
C GLY C 44 -5.12 -12.14 -4.51
N PHE C 45 -4.41 -11.30 -5.27
CA PHE C 45 -4.40 -9.87 -5.03
C PHE C 45 -5.31 -9.12 -6.00
N GLU C 46 -5.86 -8.00 -5.55
CA GLU C 46 -6.59 -7.10 -6.43
C GLU C 46 -6.23 -5.64 -6.17
N TRP C 47 -5.59 -5.01 -7.15
CA TRP C 47 -5.18 -3.61 -7.09
C TRP C 47 -6.35 -2.67 -6.79
N ILE C 48 -6.18 -1.81 -5.79
CA ILE C 48 -7.23 -0.88 -5.38
C ILE C 48 -7.05 0.49 -6.02
N GLY C 49 -5.83 1.00 -5.96
CA GLY C 49 -5.52 2.31 -6.50
C GLY C 49 -4.03 2.62 -6.39
N GLU C 50 -3.60 3.67 -7.07
CA GLU C 50 -2.19 4.06 -7.03
C GLU C 50 -2.01 5.57 -6.94
N ILE C 51 -1.72 6.06 -5.75
CA ILE C 51 -1.51 7.49 -5.53
C ILE C 51 -0.01 7.83 -5.59
N TYR C 52 0.33 8.87 -6.35
CA TYR C 52 1.70 9.35 -6.43
C TYR C 52 1.89 10.57 -5.53
N PRO C 53 2.59 10.38 -4.41
CA PRO C 53 2.75 11.40 -3.35
C PRO C 53 3.28 12.73 -3.86
N GLY C 54 4.29 12.69 -4.73
CA GLY C 54 4.89 13.90 -5.26
C GLY C 54 3.90 14.85 -5.87
N SER C 55 3.25 14.41 -6.95
CA SER C 55 2.23 15.20 -7.62
C SER C 55 0.92 15.18 -6.87
N GLY C 56 0.15 14.11 -7.07
CA GLY C 56 -1.15 13.97 -6.48
C GLY C 56 -2.02 13.07 -7.33
N ASN C 57 -1.52 12.68 -8.50
CA ASN C 57 -2.24 11.79 -9.39
C ASN C 57 -2.67 10.51 -8.69
N ILE C 58 -3.98 10.35 -8.50
CA ILE C 58 -4.52 9.13 -7.92
C ILE C 58 -5.34 8.38 -8.95
N ASP C 59 -4.98 7.14 -9.21
CA ASP C 59 -5.69 6.33 -10.21
C ASP C 59 -6.36 5.15 -9.53
N TYR C 60 -7.68 5.15 -9.50
CA TYR C 60 -8.43 4.09 -8.83
C TYR C 60 -8.79 2.93 -9.75
N ASN C 61 -9.11 1.80 -9.16
CA ASN C 61 -9.72 0.69 -9.87
C ASN C 61 -11.23 0.92 -9.92
N GLU C 62 -11.82 0.84 -11.11
CA GLU C 62 -13.26 1.05 -11.27
C GLU C 62 -14.07 0.46 -10.12
N ARG C 63 -13.69 -0.75 -9.70
CA ARG C 63 -14.39 -1.45 -8.62
C ARG C 63 -14.43 -0.63 -7.33
N PHE C 64 -13.27 -0.13 -6.91
CA PHE C 64 -13.17 0.62 -5.67
C PHE C 64 -13.36 2.12 -5.90
N LYS C 65 -13.86 2.48 -7.06
CA LYS C 65 -14.00 3.88 -7.45
C LYS C 65 -14.62 4.74 -6.34
N ASP C 66 -15.90 4.54 -6.08
CA ASP C 66 -16.60 5.30 -5.06
C ASP C 66 -16.47 4.67 -3.68
N LYS C 67 -15.56 3.71 -3.55
CA LYS C 67 -15.34 3.01 -2.29
C LYS C 67 -14.13 3.57 -1.55
N ALA C 68 -12.96 3.39 -2.13
CA ALA C 68 -11.71 3.84 -1.52
C ALA C 68 -11.26 5.19 -2.06
N THR C 69 -10.60 5.96 -1.20
CA THR C 69 -9.98 7.21 -1.62
C THR C 69 -8.57 7.36 -1.02
N LEU C 70 -7.56 7.28 -1.88
CA LEU C 70 -6.18 7.38 -1.44
C LEU C 70 -5.81 8.81 -1.09
N THR C 71 -4.79 8.98 -0.26
CA THR C 71 -4.35 10.29 0.17
C THR C 71 -2.96 10.22 0.80
N ALA C 72 -2.08 11.13 0.40
CA ALA C 72 -0.71 11.14 0.90
C ALA C 72 -0.41 12.35 1.76
N ASP C 73 0.68 12.29 2.52
CA ASP C 73 1.11 13.39 3.37
C ASP C 73 2.62 13.60 3.20
N LYS C 74 3.00 14.50 2.30
CA LYS C 74 4.39 14.75 1.97
C LYS C 74 5.28 14.96 3.19
N SER C 75 4.72 15.57 4.23
CA SER C 75 5.45 15.83 5.46
C SER C 75 5.70 14.55 6.25
N SER C 76 4.63 14.01 6.83
CA SER C 76 4.70 12.82 7.66
C SER C 76 5.23 11.61 6.90
N SER C 77 5.33 11.74 5.59
CA SER C 77 5.79 10.64 4.74
C SER C 77 4.97 9.38 4.99
N THR C 78 3.67 9.58 5.24
CA THR C 78 2.75 8.46 5.40
C THR C 78 1.57 8.64 4.45
N ALA C 79 1.09 7.53 3.90
CA ALA C 79 -0.05 7.57 2.99
C ALA C 79 -1.22 6.78 3.56
N TYR C 80 -2.43 7.31 3.39
CA TYR C 80 -3.63 6.68 3.93
C TYR C 80 -4.53 6.13 2.83
N MET C 81 -5.44 5.23 3.21
CA MET C 81 -6.52 4.81 2.31
C MET C 81 -7.88 4.89 3.00
N GLN C 82 -8.73 5.77 2.49
CA GLN C 82 -10.07 5.94 3.02
C GLN C 82 -11.02 4.91 2.43
N LEU C 83 -11.54 4.03 3.29
CA LEU C 83 -12.44 2.96 2.85
C LEU C 83 -13.82 3.15 3.49
N SER C 84 -14.82 3.40 2.65
CA SER C 84 -16.12 3.86 3.13
C SER C 84 -17.25 2.84 2.95
N SER C 85 -18.31 2.99 3.73
CA SER C 85 -19.43 2.05 3.76
C SER C 85 -18.99 0.59 3.71
N LEU C 86 -18.10 0.20 4.62
CA LEU C 86 -17.56 -1.16 4.64
C LEU C 86 -18.64 -2.23 4.66
N THR C 87 -18.31 -3.38 4.11
CA THR C 87 -19.25 -4.51 4.05
C THR C 87 -18.51 -5.79 4.44
N SER C 88 -19.27 -6.85 4.68
CA SER C 88 -18.70 -8.11 5.13
C SER C 88 -17.65 -8.66 4.18
N GLU C 89 -17.75 -8.28 2.90
CA GLU C 89 -16.82 -8.77 1.89
C GLU C 89 -15.62 -7.83 1.69
N ASP C 90 -15.47 -6.87 2.59
CA ASP C 90 -14.32 -5.96 2.55
C ASP C 90 -13.20 -6.48 3.45
N SER C 91 -13.50 -7.48 4.27
CA SER C 91 -12.53 -8.06 5.18
C SER C 91 -11.42 -8.78 4.41
N ALA C 92 -10.18 -8.35 4.63
CA ALA C 92 -9.02 -8.94 3.95
C ALA C 92 -7.74 -8.26 4.41
N VAL C 93 -6.63 -8.65 3.81
CA VAL C 93 -5.35 -8.02 4.11
C VAL C 93 -5.11 -6.90 3.11
N TYR C 94 -4.98 -5.68 3.63
CA TYR C 94 -4.75 -4.51 2.77
C TYR C 94 -3.29 -4.10 2.78
N PHE C 95 -2.64 -4.26 1.62
CA PHE C 95 -1.21 -4.01 1.51
C PHE C 95 -0.87 -2.61 1.02
N CYS C 96 0.23 -2.09 1.53
CA CYS C 96 0.74 -0.79 1.10
C CYS C 96 2.09 -1.00 0.43
N VAL C 97 2.10 -1.07 -0.89
CA VAL C 97 3.33 -1.31 -1.63
C VAL C 97 4.02 -0.02 -2.06
N ARG C 98 5.34 -0.08 -2.20
CA ARG C 98 6.10 1.04 -2.75
C ARG C 98 6.21 0.87 -4.26
N GLY C 99 5.08 0.55 -4.89
CA GLY C 99 5.05 0.35 -6.32
C GLY C 99 5.45 -1.05 -6.74
N PHE C 100 4.90 -2.04 -6.04
CA PHE C 100 5.12 -3.45 -6.40
C PHE C 100 6.59 -3.88 -6.26
N GLY C 101 7.40 -3.04 -5.63
CA GLY C 101 8.80 -3.35 -5.39
C GLY C 101 9.03 -3.79 -3.96
N TYR C 102 8.62 -2.95 -3.03
CA TYR C 102 8.71 -3.27 -1.61
C TYR C 102 7.32 -3.27 -0.98
N TRP C 103 6.84 -4.45 -0.60
CA TRP C 103 5.51 -4.58 0.00
C TRP C 103 5.52 -4.19 1.46
N GLY C 104 4.44 -3.53 1.89
CA GLY C 104 4.32 -3.12 3.28
C GLY C 104 4.07 -4.28 4.22
N GLN C 105 3.97 -3.97 5.52
CA GLN C 105 3.70 -4.97 6.53
C GLN C 105 2.38 -5.66 6.23
N GLY C 106 1.33 -4.87 6.08
CA GLY C 106 0.00 -5.40 5.82
C GLY C 106 -0.90 -5.17 7.01
N THR C 107 -2.12 -4.71 6.74
CA THR C 107 -3.11 -4.48 7.77
C THR C 107 -4.28 -5.43 7.59
N THR C 108 -4.57 -6.22 8.62
CA THR C 108 -5.65 -7.19 8.55
C THR C 108 -6.96 -6.57 8.96
N LEU C 109 -7.65 -5.94 8.01
CA LEU C 109 -8.95 -5.34 8.29
C LEU C 109 -10.04 -6.40 8.35
N THR C 110 -10.97 -6.24 9.27
CA THR C 110 -12.08 -7.17 9.41
C THR C 110 -13.38 -6.46 9.77
N VAL C 111 -14.32 -6.48 8.83
CA VAL C 111 -15.62 -5.88 9.03
C VAL C 111 -16.52 -6.88 9.75
N SER C 112 -16.95 -6.52 10.96
CA SER C 112 -17.77 -7.43 11.75
C SER C 112 -18.52 -6.69 12.85
N SER C 113 -19.71 -7.18 13.17
CA SER C 113 -20.48 -6.63 14.28
C SER C 113 -19.98 -7.22 15.59
N ALA C 114 -19.00 -8.12 15.47
CA ALA C 114 -18.43 -8.81 16.62
C ALA C 114 -17.53 -7.90 17.46
N LYS C 115 -17.48 -8.19 18.76
CA LYS C 115 -16.66 -7.44 19.69
C LYS C 115 -15.28 -8.06 19.79
N THR C 116 -14.28 -7.25 20.14
CA THR C 116 -12.91 -7.74 20.26
C THR C 116 -12.70 -8.48 21.58
N THR C 117 -12.06 -9.64 21.50
CA THR C 117 -11.75 -10.43 22.69
C THR C 117 -10.39 -11.10 22.56
N PRO C 118 -9.44 -10.71 23.43
CA PRO C 118 -8.08 -11.26 23.45
C PRO C 118 -8.08 -12.78 23.68
N PRO C 119 -6.99 -13.45 23.30
CA PRO C 119 -6.88 -14.90 23.44
C PRO C 119 -6.58 -15.36 24.86
N SER C 120 -6.83 -16.62 25.16
CA SER C 120 -6.37 -17.24 26.39
C SER C 120 -5.23 -18.19 26.05
N VAL C 121 -4.11 -18.05 26.75
CA VAL C 121 -2.93 -18.84 26.40
C VAL C 121 -2.64 -19.91 27.44
N TYR C 122 -2.75 -21.17 27.03
CA TYR C 122 -2.51 -22.29 27.92
C TYR C 122 -1.29 -23.07 27.47
N PRO C 123 -0.44 -23.48 28.43
CA PRO C 123 0.76 -24.25 28.13
C PRO C 123 0.48 -25.74 28.01
N LEU C 124 1.04 -26.37 26.99
CA LEU C 124 1.00 -27.83 26.87
C LEU C 124 2.35 -28.42 27.28
N ALA C 125 2.31 -29.44 28.13
CA ALA C 125 3.54 -30.08 28.62
C ALA C 125 3.40 -31.60 28.65
N PRO C 126 4.52 -32.32 28.59
CA PRO C 126 4.57 -33.78 28.55
C PRO C 126 3.69 -34.45 29.61
N GLY C 127 2.96 -35.48 29.23
CA GLY C 127 2.02 -36.13 30.12
C GLY C 127 2.62 -36.90 31.29
N SER C 128 2.63 -38.23 31.17
CA SER C 128 3.07 -39.08 32.28
C SER C 128 4.58 -39.27 32.32
N ALA C 129 5.31 -38.17 32.48
CA ALA C 129 6.76 -38.21 32.58
C ALA C 129 7.38 -39.21 31.60
N ALA C 130 6.90 -39.18 30.36
CA ALA C 130 7.37 -40.11 29.35
C ALA C 130 8.65 -39.62 28.67
N GLN C 131 9.79 -39.95 29.26
CA GLN C 131 11.08 -39.62 28.67
C GLN C 131 11.43 -40.67 27.63
N THR C 132 10.89 -40.49 26.42
CA THR C 132 11.10 -41.47 25.35
C THR C 132 11.64 -40.80 24.09
N ASN C 133 12.66 -39.96 24.27
CA ASN C 133 13.29 -39.28 23.14
C ASN C 133 14.44 -38.39 23.60
N SER C 134 15.42 -38.18 22.71
CA SER C 134 16.52 -37.27 22.99
C SER C 134 16.04 -35.83 22.97
N ALA C 135 14.87 -35.62 22.36
CA ALA C 135 14.28 -34.28 22.27
C ALA C 135 12.83 -34.29 22.74
N VAL C 136 12.45 -33.25 23.49
CA VAL C 136 11.08 -33.10 23.97
C VAL C 136 10.38 -32.00 23.20
N THR C 137 9.09 -32.19 22.89
CA THR C 137 8.34 -31.16 22.18
C THR C 137 7.13 -30.71 22.99
N LEU C 138 7.18 -29.46 23.44
CA LEU C 138 6.06 -28.84 24.15
C LEU C 138 5.30 -27.93 23.20
N GLY C 139 4.50 -27.03 23.75
CA GLY C 139 3.73 -26.10 22.93
C GLY C 139 2.74 -25.30 23.75
N CYS C 140 2.22 -24.22 23.17
CA CYS C 140 1.19 -23.43 23.84
C CYS C 140 -0.04 -23.23 22.96
N LEU C 141 -1.20 -23.27 23.58
CA LEU C 141 -2.47 -23.23 22.87
C LEU C 141 -3.19 -21.92 23.12
N VAL C 142 -3.14 -21.02 22.14
CA VAL C 142 -3.83 -19.75 22.20
C VAL C 142 -5.26 -19.89 21.67
N LYS C 143 -6.22 -19.89 22.58
CA LYS C 143 -7.61 -20.21 22.23
C LYS C 143 -8.57 -19.05 22.43
N GLY C 144 -9.48 -18.89 21.48
CA GLY C 144 -10.57 -17.93 21.59
C GLY C 144 -10.16 -16.47 21.59
N TYR C 145 -9.88 -15.94 20.39
CA TYR C 145 -9.57 -14.53 20.24
C TYR C 145 -10.20 -13.98 18.96
N PHE C 146 -10.34 -12.66 18.89
CA PHE C 146 -10.96 -12.02 17.74
C PHE C 146 -10.70 -10.52 17.74
N PRO C 147 -10.40 -9.96 16.56
CA PRO C 147 -10.28 -10.69 15.29
C PRO C 147 -8.83 -11.08 15.01
N GLU C 148 -8.56 -11.53 13.79
CA GLU C 148 -7.19 -11.82 13.38
C GLU C 148 -6.37 -10.54 13.38
N PRO C 149 -5.04 -10.66 13.51
CA PRO C 149 -4.27 -11.89 13.74
C PRO C 149 -3.56 -11.88 15.08
N VAL C 150 -2.67 -12.85 15.29
CA VAL C 150 -1.87 -12.90 16.51
C VAL C 150 -0.46 -13.42 16.23
N THR C 151 0.53 -12.79 16.85
CA THR C 151 1.92 -13.19 16.71
C THR C 151 2.31 -14.20 17.78
N VAL C 152 2.86 -15.34 17.36
CA VAL C 152 3.28 -16.37 18.31
C VAL C 152 4.77 -16.67 18.19
N THR C 153 5.51 -16.34 19.25
CA THR C 153 6.95 -16.56 19.29
C THR C 153 7.34 -17.41 20.51
N TRP C 154 8.62 -17.77 20.59
CA TRP C 154 9.11 -18.56 21.72
C TRP C 154 10.39 -17.97 22.32
N ASN C 155 10.39 -17.79 23.64
CA ASN C 155 11.51 -17.18 24.34
C ASN C 155 11.85 -15.78 23.82
N SER C 156 10.81 -15.00 23.53
CA SER C 156 10.97 -13.63 23.04
C SER C 156 11.82 -13.58 21.77
N GLY C 157 11.55 -14.50 20.84
CA GLY C 157 12.24 -14.52 19.57
C GLY C 157 13.49 -15.39 19.58
N SER C 158 14.01 -15.65 20.77
CA SER C 158 15.23 -16.44 20.92
C SER C 158 15.16 -17.79 20.19
N LEU C 159 14.23 -18.64 20.61
CA LEU C 159 14.07 -19.95 19.99
C LEU C 159 13.37 -19.86 18.64
N SER C 160 13.96 -20.52 17.64
CA SER C 160 13.42 -20.50 16.29
C SER C 160 13.50 -21.86 15.61
N SER C 161 14.70 -22.45 15.62
CA SER C 161 14.91 -23.74 14.96
C SER C 161 14.08 -24.84 15.59
N GLY C 162 13.05 -25.28 14.88
CA GLY C 162 12.24 -26.40 15.32
C GLY C 162 10.92 -26.01 15.97
N VAL C 163 10.38 -24.87 15.57
CA VAL C 163 9.08 -24.44 16.07
C VAL C 163 8.04 -24.36 14.95
N HIS C 164 6.84 -24.87 15.23
CA HIS C 164 5.77 -24.83 14.25
C HIS C 164 4.57 -24.09 14.83
N THR C 165 4.06 -23.11 14.09
CA THR C 165 2.85 -22.40 14.49
C THR C 165 1.75 -22.63 13.48
N PHE C 166 0.61 -23.12 13.96
CA PHE C 166 -0.49 -23.48 13.08
C PHE C 166 -1.49 -22.34 12.84
N PRO C 167 -1.96 -22.22 11.59
CA PRO C 167 -2.91 -21.18 11.17
C PRO C 167 -4.21 -21.24 11.97
N ALA C 168 -4.66 -20.08 12.44
CA ALA C 168 -5.87 -19.99 13.24
C ALA C 168 -7.05 -20.64 12.52
N VAL C 169 -7.92 -21.25 13.31
CA VAL C 169 -9.12 -21.89 12.77
C VAL C 169 -10.35 -21.41 13.54
N LEU C 170 -11.28 -20.82 12.81
CA LEU C 170 -12.49 -20.28 13.44
C LEU C 170 -13.33 -21.41 14.03
N GLN C 171 -13.69 -21.26 15.31
CA GLN C 171 -14.52 -22.24 15.99
C GLN C 171 -15.55 -21.55 16.89
N SER C 172 -16.74 -21.35 16.35
CA SER C 172 -17.83 -20.69 17.07
C SER C 172 -17.61 -19.18 17.24
N ASP C 173 -17.31 -18.51 16.13
CA ASP C 173 -17.17 -17.05 16.10
C ASP C 173 -15.85 -16.56 16.70
N LEU C 174 -15.08 -17.47 17.28
CA LEU C 174 -13.80 -17.11 17.89
C LEU C 174 -12.64 -17.88 17.26
N TYR C 175 -11.50 -17.23 17.13
CA TYR C 175 -10.33 -17.87 16.53
C TYR C 175 -9.50 -18.65 17.55
N THR C 176 -9.06 -19.82 17.14
CA THR C 176 -8.20 -20.65 17.97
C THR C 176 -6.98 -21.05 17.14
N LEU C 177 -5.84 -21.21 17.81
CA LEU C 177 -4.64 -21.70 17.13
C LEU C 177 -3.62 -22.18 18.15
N SER C 178 -2.67 -22.96 17.68
CA SER C 178 -1.68 -23.57 18.57
C SER C 178 -0.26 -23.34 18.07
N SER C 179 0.71 -23.62 18.93
CA SER C 179 2.10 -23.62 18.54
C SER C 179 2.83 -24.73 19.27
N SER C 180 3.70 -25.45 18.56
CA SER C 180 4.47 -26.52 19.16
C SER C 180 5.96 -26.28 18.95
N VAL C 181 6.75 -26.52 19.99
CA VAL C 181 8.18 -26.28 19.93
C VAL C 181 8.95 -27.52 20.38
N THR C 182 9.99 -27.87 19.63
CA THR C 182 10.83 -29.00 20.00
C THR C 182 12.20 -28.53 20.45
N VAL C 183 12.70 -29.11 21.55
CA VAL C 183 14.02 -28.79 22.07
C VAL C 183 14.71 -30.06 22.55
N PRO C 184 16.04 -29.99 22.74
CA PRO C 184 16.78 -31.12 23.31
C PRO C 184 16.32 -31.42 24.74
N SER C 185 15.93 -32.66 25.00
CA SER C 185 15.46 -33.06 26.33
C SER C 185 16.42 -32.59 27.41
N SER C 186 17.69 -32.46 27.05
CA SER C 186 18.72 -32.03 27.97
C SER C 186 18.74 -30.52 28.16
N THR C 187 17.63 -29.87 27.83
CA THR C 187 17.56 -28.41 27.93
C THR C 187 16.30 -27.89 28.61
N TRP C 188 15.12 -28.21 28.06
CA TRP C 188 13.89 -27.59 28.55
C TRP C 188 13.70 -27.63 30.07
N PRO C 189 13.48 -28.83 30.64
CA PRO C 189 13.24 -28.88 32.08
C PRO C 189 14.35 -28.17 32.84
N SER C 190 15.53 -28.08 32.22
CA SER C 190 16.67 -27.42 32.82
C SER C 190 16.59 -25.91 32.68
N GLU C 191 16.46 -25.45 31.43
CA GLU C 191 16.43 -24.01 31.15
C GLU C 191 15.04 -23.53 30.72
N THR C 192 14.61 -22.41 31.28
CA THR C 192 13.28 -21.88 31.05
C THR C 192 12.89 -21.83 29.58
N VAL C 193 11.64 -22.21 29.29
CA VAL C 193 11.08 -22.10 27.94
C VAL C 193 9.67 -21.51 28.01
N THR C 194 9.46 -20.40 27.31
CA THR C 194 8.19 -19.69 27.35
C THR C 194 7.70 -19.31 25.96
N CYS C 195 6.38 -19.30 25.77
CA CYS C 195 5.81 -18.88 24.50
C CYS C 195 5.14 -17.51 24.64
N ASN C 196 5.39 -16.63 23.68
CA ASN C 196 4.86 -15.27 23.72
C ASN C 196 3.75 -15.07 22.69
N VAL C 197 2.58 -14.67 23.16
CA VAL C 197 1.46 -14.40 22.26
C VAL C 197 1.18 -12.90 22.17
N ALA C 198 0.86 -12.42 20.98
CA ALA C 198 0.61 -11.00 20.77
C ALA C 198 -0.61 -10.74 19.89
N HIS C 199 -1.62 -10.11 20.48
CA HIS C 199 -2.85 -9.82 19.77
C HIS C 199 -3.06 -8.31 19.67
N PRO C 200 -2.64 -7.71 18.54
CA PRO C 200 -2.66 -6.27 18.28
C PRO C 200 -4.08 -5.70 18.27
N ALA C 201 -5.02 -6.45 17.71
CA ALA C 201 -6.40 -5.98 17.59
C ALA C 201 -6.95 -5.51 18.94
N SER C 202 -6.28 -5.89 20.02
CA SER C 202 -6.71 -5.53 21.37
C SER C 202 -5.56 -4.93 22.18
N SER C 203 -4.40 -4.83 21.56
CA SER C 203 -3.20 -4.38 22.25
C SER C 203 -2.91 -5.31 23.43
N THR C 204 -2.78 -6.60 23.11
CA THR C 204 -2.60 -7.62 24.13
C THR C 204 -1.33 -8.43 23.88
N LYS C 205 -0.33 -8.26 24.74
CA LYS C 205 0.91 -9.02 24.64
C LYS C 205 1.07 -9.94 25.85
N VAL C 206 1.22 -11.23 25.59
CA VAL C 206 1.16 -12.25 26.64
C VAL C 206 2.39 -13.16 26.64
N ASP C 207 2.81 -13.57 27.82
CA ASP C 207 3.93 -14.50 27.97
C ASP C 207 3.48 -15.73 28.76
N LYS C 208 4.03 -16.90 28.42
CA LYS C 208 3.59 -18.13 29.05
C LYS C 208 4.72 -19.15 29.29
N LYS C 209 5.27 -19.12 30.49
CA LYS C 209 6.30 -20.06 30.91
C LYS C 209 5.71 -21.45 31.04
N ILE C 210 6.51 -22.47 30.74
CA ILE C 210 6.05 -23.85 30.78
C ILE C 210 6.68 -24.66 31.92
N VAL C 211 6.04 -24.64 33.07
CA VAL C 211 6.39 -25.54 34.16
C VAL C 211 6.33 -26.98 33.65
N PRO C 212 7.31 -27.81 34.03
CA PRO C 212 7.34 -29.22 33.62
C PRO C 212 5.95 -29.87 33.74
N ARG C 213 5.62 -30.40 34.90
CA ARG C 213 4.26 -30.89 35.15
C ARG C 213 4.00 -31.10 36.65
N ASP C 214 2.82 -31.59 36.99
CA ASP C 214 2.37 -31.62 38.38
C ASP C 214 3.17 -32.58 39.28
N CYS C 215 3.81 -33.57 38.67
CA CYS C 215 4.86 -34.33 39.32
C CYS C 215 4.60 -35.77 39.69
N GLY C 216 3.44 -36.06 40.28
CA GLY C 216 2.32 -35.13 40.44
C GLY C 216 1.36 -35.62 39.36
N CYS C 217 1.78 -36.72 38.74
CA CYS C 217 1.11 -37.32 37.59
C CYS C 217 2.02 -38.32 36.90
S SO4 D . 11.73 28.30 -16.70
O1 SO4 D . 12.88 29.17 -16.44
O2 SO4 D . 11.68 27.26 -15.67
O3 SO4 D . 10.50 29.07 -16.68
O4 SO4 D . 11.88 27.66 -18.01
#